data_4IBO
#
_entry.id   4IBO
#
_cell.length_a   135.783
_cell.length_b   135.783
_cell.length_c   126.165
_cell.angle_alpha   90.000
_cell.angle_beta   90.000
_cell.angle_gamma   120.000
#
_symmetry.space_group_name_H-M   'P 32 2 1'
#
loop_
_entity.id
_entity.type
_entity.pdbx_description
1 polymer 'Gluconate dehydrogenase'
2 non-polymer 'MAGNESIUM ION'
3 non-polymer 'CHLORIDE ION'
4 water water
#
_entity_poly.entity_id   1
_entity_poly.type   'polypeptide(L)'
_entity_poly.pdbx_seq_one_letter_code
;HHHHHHSSGLVPRGSMSNQIIFDLGGRTALVTGSSRGLGRAMAEGLAVAGARILINGTDPSRVAQTVQEFRNVGHDAEAV
AFDVTSESEIIEAFARLDEQGIDVDILVNNAGIQFRKPMIELETADWQRVIDTNLTSAFMIGREAAKRMIPRGYGKIVNI
GSLTSELARATVAPYTVAKGGIKMLTRAMAAEWAQYGIQANAIGPGYMLTDMNQALIDNPEFDAWVKARTPAKRWGKPQE
LVGTAVFLSASASDYVNGQIIYVDGGMLSVL
;
_entity_poly.pdbx_strand_id   A,B,C,D
#
loop_
_chem_comp.id
_chem_comp.type
_chem_comp.name
_chem_comp.formula
CL non-polymer 'CHLORIDE ION' 'Cl -1'
MG non-polymer 'MAGNESIUM ION' 'Mg 2'
#
# COMPACT_ATOMS: atom_id res chain seq x y z
N ASN A 18 1.08 -19.58 -31.96
CA ASN A 18 1.24 -18.58 -30.91
C ASN A 18 0.68 -19.02 -29.56
N GLN A 19 0.72 -18.12 -28.57
CA GLN A 19 0.02 -18.34 -27.32
C GLN A 19 -1.22 -17.44 -27.36
N ILE A 20 -2.39 -18.04 -27.53
CA ILE A 20 -3.55 -17.24 -27.91
C ILE A 20 -3.99 -16.19 -26.87
N ILE A 21 -3.77 -16.44 -25.59
CA ILE A 21 -4.24 -15.48 -24.57
C ILE A 21 -3.41 -14.20 -24.54
N PHE A 22 -2.24 -14.22 -25.17
CA PHE A 22 -1.44 -13.01 -25.29
C PHE A 22 -1.50 -12.38 -26.69
N ASP A 23 -2.29 -12.98 -27.57
CA ASP A 23 -2.46 -12.47 -28.96
C ASP A 23 -3.41 -11.27 -29.02
N LEU A 24 -3.04 -10.24 -29.79
CA LEU A 24 -3.89 -9.05 -29.94
C LEU A 24 -4.44 -8.92 -31.35
N GLY A 25 -4.31 -9.97 -32.17
CA GLY A 25 -4.80 -9.93 -33.53
C GLY A 25 -6.27 -9.54 -33.58
N GLY A 26 -6.62 -8.63 -34.49
CA GLY A 26 -8.00 -8.19 -34.61
C GLY A 26 -8.36 -7.01 -33.72
N ARG A 27 -7.48 -6.67 -32.77
N ARG A 27 -7.46 -6.65 -32.81
CA ARG A 27 -7.72 -5.58 -31.85
CA ARG A 27 -7.74 -5.57 -31.87
C ARG A 27 -6.92 -4.34 -32.26
C ARG A 27 -6.93 -4.34 -32.27
N THR A 28 -7.45 -3.16 -31.93
CA THR A 28 -6.81 -1.90 -32.31
C THR A 28 -6.44 -1.11 -31.05
N ALA A 29 -5.18 -0.65 -30.97
CA ALA A 29 -4.70 0.04 -29.79
C ALA A 29 -4.33 1.48 -30.12
N LEU A 30 -4.85 2.41 -29.32
CA LEU A 30 -4.37 3.79 -29.38
C LEU A 30 -3.33 3.97 -28.29
N VAL A 31 -2.13 4.38 -28.68
CA VAL A 31 -1.10 4.69 -27.69
C VAL A 31 -0.72 6.16 -27.81
N THR A 32 -1.04 6.95 -26.80
CA THR A 32 -0.72 8.37 -26.88
C THR A 32 0.77 8.57 -26.70
N GLY A 33 1.32 9.58 -27.37
CA GLY A 33 2.75 9.86 -27.27
C GLY A 33 3.57 8.68 -27.76
N SER A 34 3.15 8.07 -28.87
CA SER A 34 3.86 6.91 -29.40
C SER A 34 4.65 7.23 -30.67
N SER A 35 4.77 8.51 -31.03
CA SER A 35 5.59 8.81 -32.20
C SER A 35 7.07 8.56 -31.88
N ARG A 36 7.41 8.54 -30.60
CA ARG A 36 8.78 8.23 -30.17
C ARG A 36 8.87 7.79 -28.70
N GLY A 37 10.07 7.47 -28.25
CA GLY A 37 10.31 7.15 -26.84
C GLY A 37 9.63 5.89 -26.35
N LEU A 38 9.34 5.82 -25.05
CA LEU A 38 8.67 4.65 -24.46
C LEU A 38 7.35 4.32 -25.14
N GLY A 39 6.60 5.35 -25.52
CA GLY A 39 5.31 5.16 -26.15
C GLY A 39 5.49 4.37 -27.44
N ARG A 40 6.52 4.73 -28.20
CA ARG A 40 6.81 4.03 -29.45
C ARG A 40 7.20 2.58 -29.18
N ALA A 41 8.05 2.35 -28.18
CA ALA A 41 8.47 1.00 -27.83
C ALA A 41 7.28 0.12 -27.43
N MET A 42 6.37 0.68 -26.63
CA MET A 42 5.18 -0.08 -26.28
C MET A 42 4.26 -0.31 -27.47
N ALA A 43 4.07 0.70 -28.33
CA ALA A 43 3.21 0.56 -29.50
C ALA A 43 3.75 -0.54 -30.39
N GLU A 44 5.07 -0.57 -30.52
CA GLU A 44 5.75 -1.59 -31.31
C GLU A 44 5.54 -2.99 -30.71
N GLY A 45 5.64 -3.08 -29.40
CA GLY A 45 5.35 -4.33 -28.72
C GLY A 45 3.93 -4.82 -28.95
N LEU A 46 2.96 -3.92 -28.86
CA LEU A 46 1.55 -4.27 -29.12
C LEU A 46 1.38 -4.73 -30.57
N ALA A 47 2.12 -4.11 -31.48
CA ALA A 47 2.04 -4.48 -32.89
C ALA A 47 2.60 -5.88 -33.08
N VAL A 48 3.72 -6.17 -32.42
CA VAL A 48 4.33 -7.49 -32.53
C VAL A 48 3.34 -8.54 -32.01
N ALA A 49 2.60 -8.17 -30.99
CA ALA A 49 1.59 -9.04 -30.39
C ALA A 49 0.38 -9.19 -31.29
N GLY A 50 0.29 -8.33 -32.32
CA GLY A 50 -0.75 -8.45 -33.33
C GLY A 50 -1.73 -7.29 -33.48
N ALA A 51 -1.64 -6.30 -32.60
CA ALA A 51 -2.61 -5.19 -32.63
C ALA A 51 -2.38 -4.27 -33.82
N ARG A 52 -3.45 -3.72 -34.39
CA ARG A 52 -3.29 -2.56 -35.24
C ARG A 52 -3.05 -1.38 -34.31
N ILE A 53 -2.11 -0.49 -34.67
CA ILE A 53 -1.70 0.57 -33.77
C ILE A 53 -2.11 1.95 -34.30
N LEU A 54 -2.74 2.76 -33.45
CA LEU A 54 -2.99 4.15 -33.78
C LEU A 54 -1.88 4.96 -33.11
N ILE A 55 -0.99 5.51 -33.93
CA ILE A 55 0.16 6.24 -33.45
C ILE A 55 -0.29 7.67 -33.16
N ASN A 56 0.13 8.21 -32.02
CA ASN A 56 -0.27 9.55 -31.64
C ASN A 56 0.89 10.41 -31.18
N GLY A 57 0.83 11.69 -31.51
CA GLY A 57 1.81 12.66 -31.05
C GLY A 57 1.28 14.01 -31.49
N THR A 58 1.98 15.07 -31.15
CA THR A 58 1.52 16.41 -31.52
C THR A 58 1.90 16.78 -32.94
N ASP A 59 3.05 16.29 -33.40
CA ASP A 59 3.53 16.63 -34.74
C ASP A 59 3.06 15.59 -35.78
N PRO A 60 2.16 16.01 -36.69
CA PRO A 60 1.61 15.11 -37.72
C PRO A 60 2.67 14.47 -38.59
N SER A 61 3.76 15.20 -38.86
CA SER A 61 4.85 14.69 -39.68
C SER A 61 5.64 13.60 -38.97
N ARG A 62 5.95 13.82 -37.70
CA ARG A 62 6.63 12.81 -36.90
C ARG A 62 5.73 11.58 -36.77
N VAL A 63 4.45 11.81 -36.48
CA VAL A 63 3.48 10.71 -36.39
C VAL A 63 3.45 9.89 -37.68
N ALA A 64 3.35 10.56 -38.83
CA ALA A 64 3.27 9.87 -40.10
C ALA A 64 4.54 9.06 -40.41
N GLN A 65 5.70 9.63 -40.09
CA GLN A 65 6.96 8.92 -40.28
C GLN A 65 7.03 7.63 -39.45
N THR A 66 6.58 7.70 -38.20
CA THR A 66 6.54 6.51 -37.36
C THR A 66 5.55 5.47 -37.91
N VAL A 67 4.40 5.93 -38.36
CA VAL A 67 3.43 5.05 -39.01
C VAL A 67 4.04 4.32 -40.21
N GLN A 68 4.75 5.05 -41.07
CA GLN A 68 5.35 4.41 -42.24
C GLN A 68 6.45 3.42 -41.85
N GLU A 69 7.26 3.74 -40.85
CA GLU A 69 8.25 2.79 -40.36
C GLU A 69 7.60 1.52 -39.81
N PHE A 70 6.53 1.65 -39.02
CA PHE A 70 5.77 0.48 -38.58
C PHE A 70 5.30 -0.35 -39.78
N ARG A 71 4.71 0.31 -40.77
CA ARG A 71 4.18 -0.42 -41.91
C ARG A 71 5.27 -1.09 -42.75
N ASN A 72 6.45 -0.49 -42.81
CA ASN A 72 7.50 -1.06 -43.66
C ASN A 72 8.06 -2.37 -43.11
N VAL A 73 7.80 -2.67 -41.83
CA VAL A 73 8.23 -3.96 -41.29
C VAL A 73 7.04 -4.88 -41.03
N GLY A 74 5.88 -4.53 -41.57
CA GLY A 74 4.75 -5.44 -41.57
C GLY A 74 3.66 -5.21 -40.52
N HIS A 75 3.81 -4.17 -39.70
CA HIS A 75 2.76 -3.86 -38.72
C HIS A 75 1.70 -3.01 -39.40
N ASP A 76 0.45 -3.09 -38.91
CA ASP A 76 -0.57 -2.18 -39.41
C ASP A 76 -0.64 -0.98 -38.47
N ALA A 77 -0.65 0.22 -39.01
CA ALA A 77 -0.61 1.40 -38.16
C ALA A 77 -1.28 2.57 -38.86
N GLU A 78 -1.93 3.43 -38.07
CA GLU A 78 -2.63 4.60 -38.62
C GLU A 78 -2.16 5.86 -37.87
N ALA A 79 -2.14 6.99 -38.57
CA ALA A 79 -1.71 8.25 -37.97
C ALA A 79 -2.88 8.94 -37.29
N VAL A 80 -2.80 9.08 -35.97
CA VAL A 80 -3.84 9.78 -35.21
C VAL A 80 -3.21 10.84 -34.33
N ALA A 81 -2.73 11.90 -34.96
CA ALA A 81 -2.11 13.01 -34.24
C ALA A 81 -3.17 13.87 -33.57
N PHE A 82 -2.89 14.29 -32.34
CA PHE A 82 -3.68 15.30 -31.64
C PHE A 82 -2.98 15.71 -30.34
N ASP A 83 -3.26 16.93 -29.88
CA ASP A 83 -2.73 17.41 -28.61
C ASP A 83 -3.51 16.76 -27.48
N VAL A 84 -2.84 16.01 -26.61
CA VAL A 84 -3.55 15.29 -25.55
C VAL A 84 -4.13 16.21 -24.47
N THR A 85 -3.74 17.48 -24.49
CA THR A 85 -4.30 18.45 -23.54
C THR A 85 -5.46 19.22 -24.15
N SER A 86 -5.78 18.94 -25.42
CA SER A 86 -6.89 19.62 -26.07
C SER A 86 -8.16 18.77 -26.17
N GLU A 87 -9.17 19.12 -25.40
CA GLU A 87 -10.41 18.34 -25.43
C GLU A 87 -11.07 18.32 -26.80
N SER A 88 -11.11 19.48 -27.46
CA SER A 88 -11.73 19.55 -28.78
C SER A 88 -10.99 18.68 -29.79
N GLU A 89 -9.65 18.62 -29.71
CA GLU A 89 -8.88 17.77 -30.63
C GLU A 89 -9.06 16.27 -30.35
N ILE A 90 -9.15 15.92 -29.07
CA ILE A 90 -9.44 14.55 -28.64
C ILE A 90 -10.80 14.11 -29.19
N ILE A 91 -11.82 14.93 -28.99
CA ILE A 91 -13.17 14.62 -29.46
C ILE A 91 -13.23 14.54 -30.98
N GLU A 92 -12.56 15.47 -31.64
CA GLU A 92 -12.46 15.47 -33.10
C GLU A 92 -11.79 14.18 -33.60
N ALA A 93 -10.75 13.72 -32.91
CA ALA A 93 -10.01 12.54 -33.36
C ALA A 93 -10.87 11.28 -33.25
N PHE A 94 -11.55 11.12 -32.12
CA PHE A 94 -12.45 9.96 -31.95
C PHE A 94 -13.62 9.98 -32.94
N ALA A 95 -14.08 11.19 -33.29
CA ALA A 95 -15.16 11.34 -34.26
C ALA A 95 -14.71 10.85 -35.63
N ARG A 96 -13.48 11.18 -36.00
CA ARG A 96 -12.86 10.65 -37.21
C ARG A 96 -12.79 9.13 -37.18
N LEU A 97 -12.35 8.58 -36.04
CA LEU A 97 -12.20 7.12 -35.92
C LEU A 97 -13.55 6.43 -36.05
N ASP A 98 -14.57 6.99 -35.39
CA ASP A 98 -15.93 6.46 -35.48
C ASP A 98 -16.38 6.40 -36.93
N GLU A 99 -16.20 7.51 -37.65
CA GLU A 99 -16.66 7.62 -39.02
C GLU A 99 -15.98 6.62 -39.93
N GLN A 100 -14.73 6.30 -39.64
CA GLN A 100 -14.02 5.30 -40.43
C GLN A 100 -14.43 3.88 -40.02
N GLY A 101 -15.12 3.76 -38.90
CA GLY A 101 -15.42 2.44 -38.36
C GLY A 101 -14.26 1.82 -37.60
N ILE A 102 -13.32 2.65 -37.13
CA ILE A 102 -12.18 2.11 -36.36
C ILE A 102 -12.51 2.10 -34.87
N ASP A 103 -12.54 0.91 -34.25
CA ASP A 103 -12.78 0.82 -32.81
C ASP A 103 -11.45 1.01 -32.07
N VAL A 104 -11.47 1.71 -30.95
CA VAL A 104 -10.30 1.71 -30.07
C VAL A 104 -10.57 0.69 -28.95
N ASP A 105 -9.96 -0.50 -29.07
CA ASP A 105 -10.15 -1.58 -28.10
C ASP A 105 -9.19 -1.48 -26.92
N ILE A 106 -8.06 -0.82 -27.17
CA ILE A 106 -7.00 -0.72 -26.18
C ILE A 106 -6.52 0.72 -26.19
N LEU A 107 -6.47 1.33 -25.01
CA LEU A 107 -5.93 2.67 -24.90
C LEU A 107 -4.74 2.62 -23.97
N VAL A 108 -3.57 3.03 -24.44
CA VAL A 108 -2.42 3.22 -23.57
C VAL A 108 -2.19 4.71 -23.37
N ASN A 109 -2.45 5.21 -22.16
CA ASN A 109 -2.21 6.63 -21.83
C ASN A 109 -0.77 6.84 -21.40
N ASN A 110 0.08 7.10 -22.38
CA ASN A 110 1.50 7.18 -22.12
C ASN A 110 1.97 8.62 -22.12
N ALA A 111 1.19 9.48 -22.76
CA ALA A 111 1.57 10.88 -22.89
C ALA A 111 1.71 11.50 -21.50
N GLY A 112 2.54 12.54 -21.41
CA GLY A 112 2.80 13.23 -20.15
C GLY A 112 4.25 13.67 -20.04
N ILE A 113 4.47 14.87 -19.51
CA ILE A 113 5.83 15.39 -19.40
C ILE A 113 6.40 15.27 -17.98
N GLN A 114 7.72 15.40 -17.90
CA GLN A 114 8.45 15.43 -16.63
C GLN A 114 8.90 16.87 -16.42
N PHE A 115 9.02 17.28 -15.17
CA PHE A 115 9.57 18.61 -14.88
C PHE A 115 10.18 18.60 -13.48
N ARG A 116 11.50 18.76 -13.41
CA ARG A 116 12.20 18.64 -12.14
C ARG A 116 12.54 20.00 -11.56
N LYS A 117 12.05 20.25 -10.36
CA LYS A 117 12.26 21.53 -9.68
C LYS A 117 11.77 21.36 -8.24
N PRO A 118 12.57 21.80 -7.26
CA PRO A 118 12.11 21.77 -5.87
C PRO A 118 10.78 22.51 -5.76
N MET A 119 9.88 22.07 -4.89
CA MET A 119 8.56 22.69 -4.78
C MET A 119 8.58 24.17 -4.41
N ILE A 120 9.53 24.57 -3.56
CA ILE A 120 9.64 26.00 -3.22
C ILE A 120 10.12 26.85 -4.39
N GLU A 121 10.60 26.23 -5.47
CA GLU A 121 11.04 26.98 -6.64
C GLU A 121 10.07 26.75 -7.80
N LEU A 122 8.99 26.03 -7.53
CA LEU A 122 8.11 25.57 -8.59
C LEU A 122 6.97 26.53 -8.92
N GLU A 123 6.98 27.06 -10.14
CA GLU A 123 5.90 27.91 -10.61
C GLU A 123 4.63 27.08 -10.81
N THR A 124 3.48 27.63 -10.44
CA THR A 124 2.20 26.92 -10.54
C THR A 124 1.89 26.49 -11.97
N ALA A 125 2.32 27.29 -12.94
CA ALA A 125 2.12 27.00 -14.35
C ALA A 125 2.85 25.72 -14.77
N ASP A 126 4.02 25.48 -14.18
CA ASP A 126 4.76 24.26 -14.49
C ASP A 126 4.13 23.05 -13.81
N TRP A 127 3.74 23.21 -12.54
CA TRP A 127 2.91 22.21 -11.85
C TRP A 127 1.71 21.83 -12.72
N GLN A 128 0.99 22.85 -13.20
CA GLN A 128 -0.24 22.61 -13.95
C GLN A 128 -0.01 21.87 -15.25
N ARG A 129 1.11 22.17 -15.91
CA ARG A 129 1.41 21.53 -17.18
C ARG A 129 1.68 20.05 -16.95
N VAL A 130 2.35 19.73 -15.84
CA VAL A 130 2.55 18.32 -15.49
C VAL A 130 1.21 17.63 -15.23
N ILE A 131 0.35 18.28 -14.45
CA ILE A 131 -0.97 17.70 -14.16
C ILE A 131 -1.79 17.48 -15.45
N ASP A 132 -1.86 18.51 -16.29
CA ASP A 132 -2.65 18.44 -17.52
C ASP A 132 -2.15 17.37 -18.48
N THR A 133 -0.83 17.35 -18.72
CA THR A 133 -0.32 16.45 -19.76
C THR A 133 -0.37 15.01 -19.29
N ASN A 134 -0.24 14.79 -17.97
CA ASN A 134 -0.21 13.43 -17.42
C ASN A 134 -1.56 12.89 -16.99
N LEU A 135 -2.29 13.69 -16.23
CA LEU A 135 -3.47 13.22 -15.51
C LEU A 135 -4.79 13.56 -16.21
N THR A 136 -5.00 14.85 -16.45
CA THR A 136 -6.21 15.29 -17.14
C THR A 136 -6.33 14.70 -18.55
N SER A 137 -5.21 14.60 -19.25
CA SER A 137 -5.22 13.98 -20.57
C SER A 137 -5.74 12.54 -20.48
N ALA A 138 -5.25 11.79 -19.50
CA ALA A 138 -5.65 10.38 -19.35
C ALA A 138 -7.13 10.27 -19.00
N PHE A 139 -7.62 11.19 -18.21
CA PHE A 139 -9.05 11.22 -17.90
C PHE A 139 -9.90 11.47 -19.16
N MET A 140 -9.55 12.51 -19.92
CA MET A 140 -10.34 12.91 -21.08
C MET A 140 -10.32 11.84 -22.15
N ILE A 141 -9.14 11.31 -22.43
CA ILE A 141 -9.03 10.29 -23.46
C ILE A 141 -9.64 8.95 -23.02
N GLY A 142 -9.41 8.56 -21.76
CA GLY A 142 -10.01 7.37 -21.18
C GLY A 142 -11.54 7.45 -21.23
N ARG A 143 -12.08 8.61 -20.89
CA ARG A 143 -13.53 8.84 -20.95
C ARG A 143 -14.09 8.66 -22.37
N GLU A 144 -13.47 9.28 -23.36
CA GLU A 144 -13.92 9.12 -24.75
C GLU A 144 -13.82 7.68 -25.24
N ALA A 145 -12.76 6.99 -24.85
CA ALA A 145 -12.58 5.61 -25.27
C ALA A 145 -13.60 4.70 -24.60
N ALA A 146 -13.83 4.92 -23.31
CA ALA A 146 -14.71 4.08 -22.51
C ALA A 146 -16.14 4.14 -23.02
N LYS A 147 -16.59 5.30 -23.47
CA LYS A 147 -17.99 5.33 -23.88
C LYS A 147 -18.26 4.60 -25.19
N ARG A 148 -17.22 4.29 -25.96
CA ARG A 148 -17.37 3.41 -27.11
C ARG A 148 -17.12 1.94 -26.75
N MET A 149 -16.26 1.70 -25.76
CA MET A 149 -16.02 0.34 -25.30
C MET A 149 -17.26 -0.22 -24.62
N ILE A 150 -17.96 0.63 -23.87
CA ILE A 150 -19.05 0.13 -23.04
C ILE A 150 -20.12 -0.66 -23.84
N PRO A 151 -20.65 -0.07 -24.95
CA PRO A 151 -21.65 -0.84 -25.70
C PRO A 151 -21.07 -2.08 -26.36
N ARG A 152 -19.76 -2.16 -26.55
CA ARG A 152 -19.16 -3.38 -27.09
C ARG A 152 -19.02 -4.45 -26.02
N GLY A 153 -18.88 -4.03 -24.76
CA GLY A 153 -18.80 -4.99 -23.66
C GLY A 153 -17.39 -5.51 -23.41
N TYR A 154 -16.39 -4.87 -24.00
CA TYR A 154 -14.99 -5.22 -23.74
C TYR A 154 -14.05 -4.06 -24.05
N GLY A 155 -12.92 -4.02 -23.36
CA GLY A 155 -11.93 -2.97 -23.62
C GLY A 155 -10.82 -2.95 -22.58
N LYS A 156 -9.69 -2.36 -22.95
CA LYS A 156 -8.52 -2.27 -22.08
C LYS A 156 -8.09 -0.82 -21.99
N ILE A 157 -7.87 -0.34 -20.78
CA ILE A 157 -7.21 0.93 -20.58
C ILE A 157 -5.95 0.67 -19.76
N VAL A 158 -4.82 1.12 -20.28
CA VAL A 158 -3.54 0.92 -19.60
C VAL A 158 -2.94 2.31 -19.37
N ASN A 159 -2.99 2.76 -18.12
CA ASN A 159 -2.43 4.07 -17.81
C ASN A 159 -0.97 3.88 -17.47
N ILE A 160 -0.14 4.86 -17.81
CA ILE A 160 1.25 4.76 -17.44
C ILE A 160 1.50 5.61 -16.19
N GLY A 161 1.77 4.94 -15.08
CA GLY A 161 2.11 5.61 -13.84
C GLY A 161 3.62 5.82 -13.75
N SER A 162 4.17 5.57 -12.57
CA SER A 162 5.60 5.69 -12.33
C SER A 162 5.87 5.00 -11.01
N LEU A 163 7.12 4.65 -10.71
CA LEU A 163 7.37 4.15 -9.37
C LEU A 163 7.12 5.27 -8.36
N THR A 164 7.09 6.52 -8.86
CA THR A 164 6.71 7.66 -8.01
C THR A 164 5.19 7.75 -7.78
N SER A 165 4.43 6.84 -8.38
CA SER A 165 3.01 6.65 -8.01
C SER A 165 2.92 6.18 -6.56
N GLU A 166 4.02 5.65 -6.03
CA GLU A 166 4.02 5.03 -4.70
C GLU A 166 4.98 5.73 -3.75
N LEU A 167 6.21 5.93 -4.22
CA LEU A 167 7.27 6.52 -3.39
C LEU A 167 7.74 7.84 -4.00
N ALA A 168 7.91 8.86 -3.15
CA ALA A 168 8.25 10.19 -3.65
C ALA A 168 9.76 10.37 -3.80
N ARG A 169 10.16 11.39 -4.54
CA ARG A 169 11.57 11.80 -4.60
C ARG A 169 11.68 13.32 -4.74
N ALA A 170 12.60 13.91 -4.00
CA ALA A 170 12.82 15.35 -4.05
C ALA A 170 13.04 15.82 -5.49
N THR A 171 12.49 17.00 -5.80
CA THR A 171 12.53 17.66 -7.12
C THR A 171 11.51 17.14 -8.15
N VAL A 172 10.87 16.00 -7.90
CA VAL A 172 9.85 15.53 -8.84
C VAL A 172 8.42 15.47 -8.28
N ALA A 173 8.07 16.48 -7.48
CA ALA A 173 6.74 16.51 -6.85
C ALA A 173 5.55 16.51 -7.81
N PRO A 174 5.53 17.41 -8.82
CA PRO A 174 4.33 17.41 -9.67
C PRO A 174 4.18 16.11 -10.45
N TYR A 175 5.29 15.49 -10.85
CA TYR A 175 5.23 14.21 -11.56
C TYR A 175 4.75 13.13 -10.61
N THR A 176 5.35 13.11 -9.41
CA THR A 176 4.96 12.19 -8.35
C THR A 176 3.45 12.31 -8.06
N VAL A 177 2.98 13.54 -7.87
CA VAL A 177 1.58 13.79 -7.60
C VAL A 177 0.68 13.35 -8.78
N ALA A 178 1.06 13.74 -9.99
CA ALA A 178 0.29 13.36 -11.19
C ALA A 178 0.24 11.85 -11.37
N LYS A 179 1.37 11.18 -11.19
CA LYS A 179 1.42 9.73 -11.34
C LYS A 179 0.67 9.04 -10.18
N GLY A 180 0.72 9.64 -8.99
CA GLY A 180 -0.07 9.15 -7.87
C GLY A 180 -1.55 9.32 -8.21
N GLY A 181 -1.86 10.40 -8.93
CA GLY A 181 -3.21 10.60 -9.43
C GLY A 181 -3.58 9.53 -10.44
N ILE A 182 -2.61 9.16 -11.29
CA ILE A 182 -2.83 8.15 -12.32
C ILE A 182 -3.18 6.80 -11.69
N LYS A 183 -2.47 6.43 -10.64
CA LYS A 183 -2.79 5.22 -9.89
C LYS A 183 -4.25 5.21 -9.42
N MET A 184 -4.68 6.31 -8.79
CA MET A 184 -6.07 6.39 -8.32
C MET A 184 -7.09 6.55 -9.46
N LEU A 185 -6.69 7.22 -10.55
CA LEU A 185 -7.56 7.28 -11.71
C LEU A 185 -7.83 5.89 -12.26
N THR A 186 -6.78 5.07 -12.30
CA THR A 186 -6.89 3.69 -12.75
C THR A 186 -7.92 2.95 -11.90
N ARG A 187 -7.84 3.12 -10.59
CA ARG A 187 -8.81 2.47 -9.70
C ARG A 187 -10.21 3.02 -9.87
N ALA A 188 -10.32 4.32 -10.17
CA ALA A 188 -11.63 4.94 -10.40
C ALA A 188 -12.25 4.41 -11.69
N MET A 189 -11.40 4.13 -12.67
CA MET A 189 -11.90 3.61 -13.94
C MET A 189 -12.40 2.18 -13.76
N ALA A 190 -11.65 1.38 -13.00
CA ALA A 190 -12.08 0.04 -12.67
C ALA A 190 -13.41 0.09 -11.93
N ALA A 191 -13.55 1.02 -10.99
CA ALA A 191 -14.75 1.10 -10.16
C ALA A 191 -15.98 1.33 -11.03
N GLU A 192 -15.85 2.22 -12.01
CA GLU A 192 -16.99 2.53 -12.84
C GLU A 192 -17.19 1.62 -14.02
N TRP A 193 -16.11 1.06 -14.58
CA TRP A 193 -16.23 0.40 -15.88
C TRP A 193 -16.00 -1.11 -15.89
N ALA A 194 -15.46 -1.68 -14.83
CA ALA A 194 -15.23 -3.13 -14.82
C ALA A 194 -16.53 -3.88 -15.07
N GLN A 195 -17.65 -3.32 -14.61
CA GLN A 195 -18.93 -4.03 -14.71
C GLN A 195 -19.32 -4.16 -16.17
N TYR A 196 -18.75 -3.30 -17.02
CA TYR A 196 -19.08 -3.34 -18.43
C TYR A 196 -18.11 -4.16 -19.24
N GLY A 197 -17.21 -4.88 -18.55
CA GLY A 197 -16.24 -5.71 -19.23
C GLY A 197 -14.96 -4.99 -19.65
N ILE A 198 -14.72 -3.82 -19.08
CA ILE A 198 -13.51 -3.07 -19.37
C ILE A 198 -12.49 -3.25 -18.24
N GLN A 199 -11.23 -3.52 -18.58
CA GLN A 199 -10.18 -3.59 -17.54
C GLN A 199 -9.28 -2.38 -17.66
N ALA A 200 -9.17 -1.66 -16.56
CA ALA A 200 -8.30 -0.51 -16.47
C ALA A 200 -7.18 -0.83 -15.48
N ASN A 201 -5.94 -0.79 -15.97
CA ASN A 201 -4.80 -1.11 -15.13
C ASN A 201 -3.69 -0.11 -15.43
N ALA A 202 -2.59 -0.18 -14.70
CA ALA A 202 -1.51 0.79 -14.90
C ALA A 202 -0.13 0.14 -14.84
N ILE A 203 0.83 0.78 -15.50
CA ILE A 203 2.21 0.35 -15.42
C ILE A 203 2.99 1.43 -14.69
N GLY A 204 3.80 1.05 -13.70
CA GLY A 204 4.65 2.03 -13.06
C GLY A 204 6.10 1.72 -13.37
N PRO A 205 6.66 2.32 -14.44
CA PRO A 205 8.06 2.08 -14.77
C PRO A 205 8.99 2.62 -13.70
N GLY A 206 10.09 1.92 -13.47
CA GLY A 206 11.13 2.47 -12.60
C GLY A 206 12.06 3.30 -13.47
N TYR A 207 13.35 3.21 -13.21
CA TYR A 207 14.31 3.99 -13.98
C TYR A 207 14.73 3.29 -15.28
N MET A 208 14.31 3.86 -16.40
CA MET A 208 14.48 3.21 -17.71
C MET A 208 15.52 3.93 -18.56
N LEU A 209 16.27 3.15 -19.33
CA LEU A 209 17.29 3.69 -20.21
C LEU A 209 16.63 4.28 -21.46
N THR A 210 16.08 5.48 -21.32
CA THR A 210 15.39 6.16 -22.40
C THR A 210 16.01 7.53 -22.56
N ASP A 211 15.55 8.29 -23.54
CA ASP A 211 16.17 9.58 -23.84
C ASP A 211 15.65 10.71 -22.95
N MET A 212 14.45 10.53 -22.38
CA MET A 212 13.88 11.51 -21.45
C MET A 212 14.51 11.42 -20.05
N ASN A 213 15.41 10.47 -19.87
CA ASN A 213 16.15 10.32 -18.62
C ASN A 213 17.65 10.53 -18.83
N GLN A 214 18.02 11.03 -20.00
CA GLN A 214 19.44 11.13 -20.40
C GLN A 214 20.28 11.87 -19.36
N ALA A 215 19.72 12.90 -18.75
CA ALA A 215 20.45 13.69 -17.74
C ALA A 215 20.79 12.83 -16.53
N LEU A 216 19.78 12.16 -15.98
CA LEU A 216 19.94 11.20 -14.90
C LEU A 216 21.00 10.15 -15.24
N ILE A 217 20.84 9.54 -16.43
CA ILE A 217 21.75 8.53 -16.94
C ILE A 217 23.20 9.03 -17.03
N ASP A 218 23.40 10.25 -17.52
CA ASP A 218 24.73 10.84 -17.69
C ASP A 218 25.33 11.40 -16.40
N ASN A 219 24.57 11.35 -15.32
CA ASN A 219 25.05 11.78 -14.01
C ASN A 219 25.57 10.57 -13.24
N PRO A 220 26.90 10.50 -13.05
CA PRO A 220 27.51 9.33 -12.37
C PRO A 220 26.96 9.06 -10.97
N GLU A 221 26.69 10.10 -10.20
CA GLU A 221 26.13 9.93 -8.86
C GLU A 221 24.72 9.30 -8.93
N PHE A 222 23.90 9.77 -9.86
CA PHE A 222 22.56 9.24 -10.02
C PHE A 222 22.59 7.79 -10.56
N ASP A 223 23.45 7.57 -11.55
CA ASP A 223 23.63 6.22 -12.12
C ASP A 223 24.03 5.22 -11.03
N ALA A 224 25.02 5.58 -10.23
CA ALA A 224 25.45 4.75 -9.12
C ALA A 224 24.33 4.52 -8.10
N TRP A 225 23.53 5.55 -7.84
CA TRP A 225 22.42 5.42 -6.90
C TRP A 225 21.38 4.41 -7.41
N VAL A 226 20.98 4.53 -8.67
CA VAL A 226 20.04 3.58 -9.25
C VAL A 226 20.54 2.14 -9.09
N LYS A 227 21.79 1.91 -9.45
CA LYS A 227 22.39 0.57 -9.40
C LYS A 227 22.50 0.01 -7.97
N ALA A 228 22.69 0.89 -7.00
CA ALA A 228 22.78 0.49 -5.59
C ALA A 228 21.41 0.37 -4.91
N ARG A 229 20.44 1.17 -5.36
CA ARG A 229 19.13 1.26 -4.73
C ARG A 229 18.19 0.16 -5.25
N THR A 230 18.50 -0.35 -6.44
CA THR A 230 17.69 -1.39 -7.07
C THR A 230 18.26 -2.76 -6.73
N PRO A 231 17.41 -3.66 -6.19
CA PRO A 231 17.80 -5.05 -5.93
C PRO A 231 18.41 -5.74 -7.16
N ALA A 232 17.87 -5.46 -8.34
CA ALA A 232 18.40 -6.02 -9.59
C ALA A 232 19.73 -5.39 -10.02
N LYS A 233 20.12 -4.31 -9.33
CA LYS A 233 21.38 -3.61 -9.56
C LYS A 233 21.60 -3.14 -11.02
N ARG A 234 20.53 -2.64 -11.63
CA ARG A 234 20.62 -2.15 -13.00
C ARG A 234 19.40 -1.31 -13.34
N TRP A 235 19.53 -0.49 -14.39
CA TRP A 235 18.40 0.24 -14.95
C TRP A 235 17.54 -0.72 -15.77
N GLY A 236 16.33 -0.29 -16.10
CA GLY A 236 15.48 -1.06 -16.99
C GLY A 236 15.67 -0.64 -18.44
N LYS A 237 15.42 -1.55 -19.37
CA LYS A 237 15.45 -1.19 -20.79
C LYS A 237 14.03 -0.91 -21.26
N PRO A 238 13.87 0.00 -22.24
CA PRO A 238 12.53 0.38 -22.72
C PRO A 238 11.72 -0.85 -23.10
N GLN A 239 12.35 -1.80 -23.79
CA GLN A 239 11.67 -3.02 -24.19
C GLN A 239 11.12 -3.81 -22.98
N GLU A 240 11.72 -3.60 -21.80
CA GLU A 240 11.26 -4.34 -20.61
C GLU A 240 9.90 -3.89 -20.06
N LEU A 241 9.29 -2.88 -20.67
CA LEU A 241 7.92 -2.50 -20.35
C LEU A 241 6.93 -3.20 -21.26
N VAL A 242 7.42 -3.72 -22.39
CA VAL A 242 6.54 -4.24 -23.42
C VAL A 242 5.67 -5.39 -22.93
N GLY A 243 6.28 -6.36 -22.26
CA GLY A 243 5.53 -7.51 -21.76
C GLY A 243 4.36 -7.11 -20.88
N THR A 244 4.58 -6.13 -20.01
CA THR A 244 3.51 -5.69 -19.10
C THR A 244 2.40 -5.02 -19.91
N ALA A 245 2.78 -4.23 -20.90
CA ALA A 245 1.80 -3.53 -21.73
C ALA A 245 0.93 -4.52 -22.53
N VAL A 246 1.56 -5.53 -23.11
CA VAL A 246 0.81 -6.57 -23.85
C VAL A 246 -0.11 -7.38 -22.91
N PHE A 247 0.46 -7.83 -21.78
CA PHE A 247 -0.30 -8.54 -20.76
C PHE A 247 -1.56 -7.79 -20.39
N LEU A 248 -1.41 -6.50 -20.08
CA LEU A 248 -2.55 -5.70 -19.64
C LEU A 248 -3.48 -5.30 -20.80
N SER A 249 -3.07 -5.60 -22.03
CA SER A 249 -3.88 -5.28 -23.20
C SER A 249 -4.60 -6.52 -23.74
N ALA A 250 -4.31 -7.69 -23.17
CA ALA A 250 -4.69 -8.96 -23.77
C ALA A 250 -5.76 -9.69 -22.97
N SER A 251 -6.34 -10.74 -23.55
CA SER A 251 -7.29 -11.60 -22.83
C SER A 251 -6.70 -12.18 -21.55
N ALA A 252 -5.37 -12.31 -21.56
CA ALA A 252 -4.64 -12.81 -20.40
C ALA A 252 -4.92 -12.04 -19.11
N SER A 253 -5.44 -10.82 -19.23
CA SER A 253 -5.68 -10.01 -18.03
C SER A 253 -7.15 -9.66 -17.84
N ASP A 254 -8.08 -10.46 -18.38
CA ASP A 254 -9.50 -10.11 -18.28
C ASP A 254 -10.08 -9.98 -16.86
N TYR A 255 -9.51 -10.69 -15.88
CA TYR A 255 -9.99 -10.53 -14.49
C TYR A 255 -9.05 -9.66 -13.65
N VAL A 256 -8.13 -8.97 -14.31
CA VAL A 256 -7.20 -8.05 -13.62
C VAL A 256 -7.73 -6.63 -13.78
N ASN A 257 -8.00 -5.96 -12.67
CA ASN A 257 -8.60 -4.63 -12.77
C ASN A 257 -8.12 -3.74 -11.64
N GLY A 258 -7.84 -2.48 -11.95
CA GLY A 258 -7.44 -1.53 -10.94
C GLY A 258 -6.02 -1.72 -10.43
N GLN A 259 -5.25 -2.57 -11.10
CA GLN A 259 -3.89 -2.89 -10.63
C GLN A 259 -2.86 -1.92 -11.17
N ILE A 260 -1.85 -1.58 -10.37
CA ILE A 260 -0.66 -0.98 -10.96
C ILE A 260 0.52 -1.92 -10.83
N ILE A 261 1.17 -2.21 -11.96
CA ILE A 261 2.30 -3.14 -11.96
C ILE A 261 3.58 -2.33 -12.07
N TYR A 262 4.40 -2.37 -11.02
CA TYR A 262 5.66 -1.65 -11.01
C TYR A 262 6.76 -2.49 -11.68
N VAL A 263 7.47 -1.88 -12.61
CA VAL A 263 8.51 -2.56 -13.38
C VAL A 263 9.77 -1.78 -13.07
N ASP A 264 10.46 -2.18 -12.01
CA ASP A 264 11.42 -1.28 -11.39
C ASP A 264 12.61 -1.98 -10.76
N GLY A 265 12.78 -3.26 -11.09
CA GLY A 265 13.93 -4.00 -10.59
C GLY A 265 13.86 -4.30 -9.10
N GLY A 266 12.71 -4.05 -8.49
CA GLY A 266 12.51 -4.34 -7.08
C GLY A 266 12.72 -3.13 -6.19
N MET A 267 12.88 -1.97 -6.80
CA MET A 267 13.20 -0.76 -6.05
C MET A 267 12.15 -0.44 -4.97
N LEU A 268 10.87 -0.50 -5.35
CA LEU A 268 9.79 -0.14 -4.43
C LEU A 268 9.61 -1.12 -3.29
N SER A 269 10.20 -2.31 -3.42
CA SER A 269 9.91 -3.40 -2.50
C SER A 269 10.96 -3.55 -1.39
N VAL A 270 12.07 -2.81 -1.50
CA VAL A 270 13.11 -2.87 -0.48
C VAL A 270 13.51 -1.49 0.03
N LEU A 271 14.06 -1.47 1.25
CA LEU A 271 14.71 -0.30 1.78
C LEU A 271 15.87 0.11 0.87
N GLN B 19 -5.21 18.00 28.44
CA GLN B 19 -6.04 17.39 27.42
C GLN B 19 -6.43 15.98 27.79
N ILE B 20 -7.69 15.81 28.15
CA ILE B 20 -8.18 14.51 28.58
C ILE B 20 -8.09 13.46 27.47
N ILE B 21 -8.17 13.87 26.20
CA ILE B 21 -8.18 12.87 25.12
C ILE B 21 -6.88 12.10 24.99
N PHE B 22 -5.80 12.60 25.58
CA PHE B 22 -4.54 11.87 25.57
C PHE B 22 -4.22 11.28 26.95
N ASP B 23 -5.12 11.47 27.90
CA ASP B 23 -4.87 11.01 29.26
C ASP B 23 -5.21 9.53 29.42
N LEU B 24 -4.34 8.78 30.11
CA LEU B 24 -4.53 7.35 30.28
C LEU B 24 -4.82 6.98 31.73
N GLY B 25 -5.15 7.98 32.54
CA GLY B 25 -5.47 7.72 33.93
C GLY B 25 -6.60 6.71 34.05
N GLY B 26 -6.44 5.73 34.94
CA GLY B 26 -7.48 4.74 35.16
C GLY B 26 -7.37 3.57 34.21
N ARG B 27 -6.41 3.63 33.30
CA ARG B 27 -6.16 2.53 32.37
C ARG B 27 -4.91 1.75 32.79
N THR B 28 -4.90 0.45 32.49
CA THR B 28 -3.71 -0.37 32.76
C THR B 28 -3.18 -0.93 31.45
N ALA B 29 -1.88 -0.74 31.20
CA ALA B 29 -1.24 -1.22 29.97
C ALA B 29 -0.28 -2.36 30.25
N LEU B 30 -0.42 -3.46 29.53
CA LEU B 30 0.60 -4.51 29.52
C LEU B 30 1.47 -4.27 28.31
N VAL B 31 2.77 -4.10 28.52
CA VAL B 31 3.69 -3.91 27.41
C VAL B 31 4.67 -5.11 27.42
N THR B 32 4.59 -5.96 26.41
CA THR B 32 5.49 -7.13 26.41
C THR B 32 6.91 -6.67 26.06
N GLY B 33 7.90 -7.34 26.64
CA GLY B 33 9.29 -6.95 26.43
C GLY B 33 9.54 -5.50 26.85
N SER B 34 9.02 -5.11 28.01
CA SER B 34 9.21 -3.73 28.48
C SER B 34 10.29 -3.65 29.55
N SER B 35 11.05 -4.71 29.77
CA SER B 35 12.09 -4.61 30.81
C SER B 35 13.26 -3.75 30.34
N ARG B 36 13.35 -3.53 29.02
CA ARG B 36 14.42 -2.70 28.46
C ARG B 36 14.10 -2.31 27.01
N GLY B 37 14.96 -1.50 26.41
CA GLY B 37 14.82 -1.18 25.00
C GLY B 37 13.61 -0.31 24.69
N LEU B 38 13.07 -0.43 23.49
CA LEU B 38 11.95 0.39 23.04
C LEU B 38 10.70 0.13 23.84
N GLY B 39 10.50 -1.12 24.26
CA GLY B 39 9.32 -1.48 25.03
C GLY B 39 9.29 -0.70 26.33
N ARG B 40 10.46 -0.56 26.95
N ARG B 40 10.46 -0.57 26.96
CA ARG B 40 10.57 0.16 28.20
CA ARG B 40 10.55 0.16 28.21
C ARG B 40 10.32 1.65 28.01
C ARG B 40 10.30 1.65 28.00
N ALA B 41 10.82 2.19 26.90
CA ALA B 41 10.63 3.61 26.60
C ALA B 41 9.15 3.90 26.36
N MET B 42 8.47 3.00 25.66
CA MET B 42 7.04 3.15 25.47
C MET B 42 6.27 3.00 26.79
N ALA B 43 6.65 2.02 27.61
CA ALA B 43 5.98 1.82 28.90
C ALA B 43 6.13 3.07 29.77
N GLU B 44 7.33 3.65 29.73
CA GLU B 44 7.59 4.85 30.52
C GLU B 44 6.69 6.00 30.06
N GLY B 45 6.57 6.17 28.75
CA GLY B 45 5.75 7.24 28.19
C GLY B 45 4.27 7.03 28.50
N LEU B 46 3.81 5.78 28.43
CA LEU B 46 2.44 5.44 28.80
C LEU B 46 2.18 5.75 30.27
N ALA B 47 3.16 5.46 31.12
CA ALA B 47 3.05 5.78 32.56
C ALA B 47 2.96 7.29 32.80
N VAL B 48 3.74 8.07 32.07
CA VAL B 48 3.68 9.53 32.23
C VAL B 48 2.29 10.03 31.77
N ALA B 49 1.70 9.38 30.79
CA ALA B 49 0.36 9.77 30.33
C ALA B 49 -0.72 9.30 31.31
N GLY B 50 -0.32 8.56 32.34
CA GLY B 50 -1.22 8.17 33.42
C GLY B 50 -1.53 6.69 33.60
N ALA B 51 -1.09 5.84 32.68
CA ALA B 51 -1.40 4.42 32.77
C ALA B 51 -0.66 3.72 33.90
N ARG B 52 -1.33 2.80 34.58
CA ARG B 52 -0.62 1.79 35.36
C ARG B 52 0.07 0.84 34.38
N ILE B 53 1.29 0.39 34.72
CA ILE B 53 2.07 -0.39 33.77
C ILE B 53 2.33 -1.80 34.28
N LEU B 54 2.16 -2.78 33.41
CA LEU B 54 2.56 -4.15 33.74
C LEU B 54 3.80 -4.42 32.91
N ILE B 55 4.94 -4.51 33.58
CA ILE B 55 6.24 -4.76 32.93
C ILE B 55 6.38 -6.24 32.64
N ASN B 56 6.79 -6.58 31.42
CA ASN B 56 6.97 -7.98 31.02
C ASN B 56 8.33 -8.17 30.36
N GLY B 57 8.90 -9.36 30.57
CA GLY B 57 10.17 -9.73 29.98
C GLY B 57 10.35 -11.18 30.34
N THR B 58 11.37 -11.82 29.78
CA THR B 58 11.59 -13.23 30.03
C THR B 58 12.30 -13.48 31.37
N ASP B 59 13.13 -12.53 31.78
CA ASP B 59 13.94 -12.65 32.99
C ASP B 59 13.22 -12.03 34.20
N PRO B 60 12.76 -12.86 35.15
CA PRO B 60 12.00 -12.34 36.30
C PRO B 60 12.74 -11.28 37.12
N SER B 61 14.06 -11.46 37.30
CA SER B 61 14.85 -10.49 38.06
C SER B 61 15.02 -9.16 37.34
N ARG B 62 15.14 -9.22 36.02
CA ARG B 62 15.28 -8.02 35.23
C ARG B 62 13.93 -7.29 35.20
N VAL B 63 12.84 -8.04 35.08
CA VAL B 63 11.52 -7.44 35.18
C VAL B 63 11.36 -6.75 36.54
N ALA B 64 11.69 -7.43 37.63
CA ALA B 64 11.54 -6.85 38.96
C ALA B 64 12.35 -5.56 39.12
N GLN B 65 13.56 -5.54 38.56
CA GLN B 65 14.40 -4.34 38.65
C GLN B 65 13.74 -3.15 37.94
N THR B 66 13.23 -3.39 36.73
CA THR B 66 12.55 -2.35 35.98
C THR B 66 11.29 -1.87 36.71
N VAL B 67 10.53 -2.78 37.30
CA VAL B 67 9.38 -2.36 38.10
C VAL B 67 9.77 -1.43 39.26
N GLN B 68 10.85 -1.76 39.96
CA GLN B 68 11.27 -0.89 41.06
C GLN B 68 11.66 0.50 40.56
N GLU B 69 12.30 0.57 39.40
CA GLU B 69 12.68 1.86 38.84
C GLU B 69 11.46 2.68 38.45
N PHE B 70 10.43 2.02 37.91
CA PHE B 70 9.17 2.71 37.60
C PHE B 70 8.55 3.21 38.89
N ARG B 71 8.54 2.36 39.92
CA ARG B 71 7.96 2.78 41.21
C ARG B 71 8.74 3.94 41.84
N ASN B 72 10.06 3.92 41.69
CA ASN B 72 10.90 4.99 42.25
C ASN B 72 10.60 6.36 41.67
N VAL B 73 10.18 6.41 40.40
CA VAL B 73 9.78 7.69 39.82
C VAL B 73 8.26 7.94 39.87
N GLY B 74 7.58 7.24 40.77
CA GLY B 74 6.17 7.51 41.04
C GLY B 74 5.13 6.85 40.13
N HIS B 75 5.57 5.95 39.26
CA HIS B 75 4.62 5.20 38.42
C HIS B 75 4.00 4.04 39.20
N ASP B 76 2.80 3.65 38.81
CA ASP B 76 2.18 2.45 39.34
C ASP B 76 2.56 1.32 38.39
N ALA B 77 3.33 0.34 38.89
CA ALA B 77 3.83 -0.74 38.03
C ALA B 77 3.85 -2.08 38.75
N GLU B 78 3.59 -3.15 38.00
CA GLU B 78 3.61 -4.51 38.53
C GLU B 78 4.47 -5.37 37.63
N ALA B 79 5.02 -6.44 38.20
CA ALA B 79 5.85 -7.37 37.44
C ALA B 79 4.97 -8.48 36.85
N VAL B 80 5.00 -8.64 35.54
CA VAL B 80 4.27 -9.74 34.88
C VAL B 80 5.23 -10.44 33.90
N ALA B 81 6.24 -11.11 34.46
CA ALA B 81 7.18 -11.86 33.65
C ALA B 81 6.52 -13.14 33.15
N PHE B 82 6.64 -13.39 31.85
CA PHE B 82 6.29 -14.68 31.27
C PHE B 82 6.93 -14.78 29.90
N ASP B 83 7.11 -16.02 29.44
CA ASP B 83 7.64 -16.33 28.12
C ASP B 83 6.55 -16.09 27.10
N VAL B 84 6.72 -15.10 26.23
CA VAL B 84 5.68 -14.76 25.25
C VAL B 84 5.45 -15.84 24.20
N THR B 85 6.29 -16.87 24.16
CA THR B 85 6.08 -17.97 23.22
C THR B 85 5.41 -19.15 23.91
N SER B 86 5.12 -19.01 25.19
CA SER B 86 4.47 -20.10 25.93
C SER B 86 2.98 -19.81 26.15
N GLU B 87 2.14 -20.52 25.42
CA GLU B 87 0.70 -20.35 25.58
C GLU B 87 0.27 -20.56 27.04
N SER B 88 0.84 -21.57 27.70
CA SER B 88 0.45 -21.87 29.08
C SER B 88 0.82 -20.73 30.02
N GLU B 89 2.01 -20.16 29.86
CA GLU B 89 2.40 -19.03 30.69
C GLU B 89 1.58 -17.79 30.43
N ILE B 90 1.16 -17.60 29.17
CA ILE B 90 0.32 -16.46 28.81
C ILE B 90 -1.06 -16.60 29.45
N ILE B 91 -1.64 -17.79 29.33
CA ILE B 91 -2.91 -18.07 29.97
C ILE B 91 -2.83 -17.92 31.50
N GLU B 92 -1.77 -18.44 32.11
CA GLU B 92 -1.66 -18.34 33.56
C GLU B 92 -1.44 -16.90 34.02
N ALA B 93 -0.71 -16.10 33.24
CA ALA B 93 -0.47 -14.70 33.58
C ALA B 93 -1.78 -13.93 33.59
N PHE B 94 -2.59 -14.08 32.55
CA PHE B 94 -3.88 -13.40 32.52
C PHE B 94 -4.82 -13.87 33.63
N ALA B 95 -4.77 -15.16 33.96
CA ALA B 95 -5.59 -15.69 35.04
C ALA B 95 -5.18 -15.06 36.37
N ARG B 96 -3.87 -14.93 36.58
CA ARG B 96 -3.35 -14.29 37.78
C ARG B 96 -3.81 -12.83 37.84
N LEU B 97 -3.79 -12.14 36.71
CA LEU B 97 -4.27 -10.75 36.68
C LEU B 97 -5.77 -10.68 36.99
N ASP B 98 -6.56 -11.56 36.39
CA ASP B 98 -7.99 -11.62 36.70
C ASP B 98 -8.19 -11.74 38.19
N GLU B 99 -7.46 -12.66 38.80
CA GLU B 99 -7.64 -12.98 40.23
C GLU B 99 -7.30 -11.76 41.11
N GLN B 100 -6.39 -10.91 40.65
CA GLN B 100 -6.00 -9.73 41.41
C GLN B 100 -6.87 -8.55 41.05
N GLY B 101 -7.83 -8.76 40.16
CA GLY B 101 -8.76 -7.73 39.74
C GLY B 101 -8.11 -6.67 38.87
N ILE B 102 -7.07 -7.07 38.14
CA ILE B 102 -6.37 -6.16 37.24
C ILE B 102 -6.84 -6.35 35.80
N ASP B 103 -7.50 -5.32 35.26
CA ASP B 103 -7.97 -5.33 33.87
C ASP B 103 -6.84 -4.88 32.98
N VAL B 104 -6.66 -5.56 31.86
CA VAL B 104 -5.70 -5.10 30.88
C VAL B 104 -6.46 -4.32 29.80
N ASP B 105 -6.35 -3.01 29.82
CA ASP B 105 -7.10 -2.13 28.92
C ASP B 105 -6.29 -1.83 27.67
N ILE B 106 -4.98 -1.88 27.81
CA ILE B 106 -4.07 -1.58 26.71
C ILE B 106 -3.05 -2.70 26.64
N LEU B 107 -2.90 -3.28 25.47
CA LEU B 107 -1.87 -4.27 25.22
C LEU B 107 -0.92 -3.72 24.17
N VAL B 108 0.36 -3.64 24.50
CA VAL B 108 1.38 -3.32 23.49
C VAL B 108 2.19 -4.59 23.23
N ASN B 109 2.07 -5.15 22.02
CA ASN B 109 2.80 -6.35 21.66
C ASN B 109 4.16 -5.95 21.10
N ASN B 110 5.12 -5.75 21.99
CA ASN B 110 6.43 -5.26 21.60
C ASN B 110 7.50 -6.35 21.55
N ALA B 111 7.24 -7.46 22.24
CA ALA B 111 8.24 -8.53 22.33
C ALA B 111 8.56 -9.08 20.94
N GLY B 112 9.82 -9.44 20.73
CA GLY B 112 10.27 -9.95 19.45
C GLY B 112 11.79 -10.04 19.42
N ILE B 113 12.32 -10.92 18.59
CA ILE B 113 13.76 -11.03 18.46
C ILE B 113 14.14 -10.77 17.03
N GLN B 114 15.43 -10.53 16.81
CA GLN B 114 15.96 -10.33 15.47
C GLN B 114 16.95 -11.45 15.24
N PHE B 115 17.09 -11.88 13.99
CA PHE B 115 18.10 -12.87 13.64
C PHE B 115 18.61 -12.63 12.22
N ARG B 116 19.88 -12.26 12.11
CA ARG B 116 20.44 -11.83 10.84
C ARG B 116 21.15 -12.97 10.15
N LYS B 117 20.62 -13.37 9.00
CA LYS B 117 21.22 -14.44 8.21
C LYS B 117 20.55 -14.43 6.84
N PRO B 118 21.35 -14.52 5.77
CA PRO B 118 20.77 -14.67 4.42
C PRO B 118 19.89 -15.93 4.34
N MET B 119 18.79 -15.86 3.58
CA MET B 119 17.85 -16.98 3.52
C MET B 119 18.45 -18.32 3.10
N ILE B 120 19.39 -18.31 2.16
CA ILE B 120 19.98 -19.59 1.72
C ILE B 120 20.81 -20.25 2.81
N GLU B 121 21.13 -19.49 3.87
CA GLU B 121 21.91 -20.01 5.01
C GLU B 121 21.02 -20.17 6.24
N LEU B 122 19.75 -19.82 6.10
CA LEU B 122 18.86 -19.77 7.25
C LEU B 122 18.30 -21.14 7.61
N GLU B 123 18.61 -21.61 8.81
CA GLU B 123 18.01 -22.86 9.31
C GLU B 123 16.54 -22.63 9.65
N THR B 124 15.71 -23.61 9.29
CA THR B 124 14.27 -23.49 9.52
C THR B 124 13.94 -23.24 11.00
N ALA B 125 14.76 -23.79 11.89
CA ALA B 125 14.51 -23.61 13.31
C ALA B 125 14.65 -22.15 13.72
N ASP B 126 15.59 -21.44 13.10
CA ASP B 126 15.76 -20.01 13.41
C ASP B 126 14.62 -19.17 12.83
N TRP B 127 14.26 -19.47 11.58
CA TRP B 127 13.07 -18.88 10.95
C TRP B 127 11.87 -19.04 11.89
N GLN B 128 11.64 -20.27 12.33
CA GLN B 128 10.52 -20.58 13.21
C GLN B 128 10.58 -19.80 14.53
N ARG B 129 11.77 -19.66 15.10
CA ARG B 129 11.88 -18.93 16.36
C ARG B 129 11.49 -17.46 16.19
N VAL B 130 11.88 -16.87 15.07
CA VAL B 130 11.54 -15.48 14.79
C VAL B 130 10.04 -15.33 14.57
N ILE B 131 9.44 -16.25 13.83
CA ILE B 131 7.98 -16.23 13.64
C ILE B 131 7.25 -16.36 15.00
N ASP B 132 7.64 -17.34 15.80
CA ASP B 132 6.98 -17.58 17.10
C ASP B 132 7.07 -16.39 18.05
N THR B 133 8.27 -15.82 18.16
N THR B 133 8.27 -15.82 18.20
CA THR B 133 8.52 -14.77 19.13
CA THR B 133 8.46 -14.74 19.17
C THR B 133 7.90 -13.43 18.70
C THR B 133 7.87 -13.41 18.71
N ASN B 134 7.81 -13.20 17.40
CA ASN B 134 7.32 -11.93 16.86
C ASN B 134 5.84 -11.92 16.48
N LEU B 135 5.36 -13.04 15.97
CA LEU B 135 4.04 -13.07 15.36
C LEU B 135 3.07 -13.90 16.18
N THR B 136 3.39 -15.18 16.37
CA THR B 136 2.50 -16.05 17.13
C THR B 136 2.27 -15.53 18.53
N SER B 137 3.30 -14.96 19.15
CA SER B 137 3.16 -14.33 20.47
C SER B 137 2.08 -13.24 20.48
N ALA B 138 2.12 -12.34 19.49
CA ALA B 138 1.14 -11.26 19.42
C ALA B 138 -0.27 -11.80 19.27
N PHE B 139 -0.42 -12.88 18.52
CA PHE B 139 -1.73 -13.50 18.35
C PHE B 139 -2.23 -14.07 19.68
N MET B 140 -1.40 -14.87 20.33
CA MET B 140 -1.81 -15.53 21.57
C MET B 140 -2.13 -14.51 22.66
N ILE B 141 -1.23 -13.54 22.84
CA ILE B 141 -1.42 -12.53 23.89
C ILE B 141 -2.59 -11.59 23.54
N GLY B 142 -2.68 -11.18 22.27
CA GLY B 142 -3.80 -10.39 21.80
C GLY B 142 -5.14 -11.07 22.02
N ARG B 143 -5.23 -12.35 21.67
CA ARG B 143 -6.45 -13.14 21.88
C ARG B 143 -6.84 -13.22 23.37
N GLU B 144 -5.86 -13.42 24.25
CA GLU B 144 -6.15 -13.49 25.67
C GLU B 144 -6.62 -12.14 26.21
N ALA B 145 -6.01 -11.06 25.75
CA ALA B 145 -6.42 -9.73 26.21
C ALA B 145 -7.84 -9.42 25.71
N ALA B 146 -8.10 -9.75 24.45
CA ALA B 146 -9.37 -9.41 23.82
C ALA B 146 -10.54 -10.14 24.45
N LYS B 147 -10.30 -11.38 24.89
CA LYS B 147 -11.32 -12.17 25.58
C LYS B 147 -11.93 -11.39 26.73
N ARG B 148 -11.10 -10.61 27.42
CA ARG B 148 -11.57 -9.82 28.57
C ARG B 148 -12.01 -8.42 28.18
N MET B 149 -11.46 -7.88 27.10
CA MET B 149 -11.84 -6.52 26.68
C MET B 149 -13.24 -6.52 26.08
N ILE B 150 -13.54 -7.55 25.30
CA ILE B 150 -14.84 -7.67 24.62
C ILE B 150 -16.06 -7.49 25.55
N PRO B 151 -16.13 -8.24 26.68
CA PRO B 151 -17.29 -8.00 27.55
C PRO B 151 -17.29 -6.60 28.17
N ARG B 152 -16.13 -5.98 28.32
CA ARG B 152 -16.08 -4.62 28.87
C ARG B 152 -16.52 -3.56 27.85
N GLY B 153 -16.36 -3.86 26.56
CA GLY B 153 -16.78 -2.94 25.51
C GLY B 153 -15.75 -1.89 25.11
N TYR B 154 -14.51 -2.06 25.57
CA TYR B 154 -13.44 -1.13 25.22
C TYR B 154 -12.08 -1.77 25.43
N GLY B 155 -11.08 -1.30 24.68
CA GLY B 155 -9.73 -1.80 24.84
C GLY B 155 -8.87 -1.33 23.68
N LYS B 156 -7.55 -1.37 23.88
CA LYS B 156 -6.60 -0.92 22.87
C LYS B 156 -5.59 -2.02 22.67
N ILE B 157 -5.30 -2.33 21.42
CA ILE B 157 -4.21 -3.24 21.11
C ILE B 157 -3.27 -2.54 20.12
N VAL B 158 -2.02 -2.44 20.51
CA VAL B 158 -1.00 -1.75 19.73
C VAL B 158 0.09 -2.77 19.41
N ASN B 159 0.15 -3.22 18.17
CA ASN B 159 1.18 -4.16 17.77
C ASN B 159 2.42 -3.42 17.29
N ILE B 160 3.59 -3.94 17.58
CA ILE B 160 4.80 -3.27 17.12
C ILE B 160 5.30 -3.98 15.87
N GLY B 161 5.27 -3.27 14.75
CA GLY B 161 5.75 -3.81 13.50
C GLY B 161 7.16 -3.31 13.29
N SER B 162 7.43 -2.88 12.07
CA SER B 162 8.77 -2.41 11.68
C SER B 162 8.68 -1.82 10.28
N LEU B 163 9.72 -1.11 9.86
CA LEU B 163 9.82 -0.67 8.45
C LEU B 163 9.70 -1.88 7.55
N THR B 164 10.12 -3.03 8.07
CA THR B 164 10.07 -4.26 7.29
C THR B 164 8.67 -4.88 7.24
N SER B 165 7.68 -4.25 7.89
CA SER B 165 6.29 -4.64 7.69
C SER B 165 5.88 -4.35 6.24
N GLU B 166 6.65 -3.48 5.59
CA GLU B 166 6.32 -2.98 4.25
C GLU B 166 7.47 -3.14 3.25
N LEU B 167 8.70 -2.85 3.67
CA LEU B 167 9.88 -2.88 2.79
C LEU B 167 10.90 -3.90 3.30
N ALA B 168 11.36 -4.77 2.41
CA ALA B 168 12.26 -5.85 2.85
C ALA B 168 13.70 -5.36 2.94
N ARG B 169 14.53 -6.07 3.70
CA ARG B 169 15.97 -5.82 3.66
C ARG B 169 16.74 -7.14 3.66
N ALA B 170 17.75 -7.23 2.81
CA ALA B 170 18.59 -8.44 2.77
C ALA B 170 19.11 -8.83 4.17
N THR B 171 19.08 -10.14 4.45
CA THR B 171 19.52 -10.77 5.71
C THR B 171 18.51 -10.75 6.86
N VAL B 172 17.41 -10.02 6.74
CA VAL B 172 16.40 -10.07 7.80
C VAL B 172 15.02 -10.57 7.34
N ALA B 173 15.02 -11.63 6.54
CA ALA B 173 13.80 -12.20 5.99
C ALA B 173 12.76 -12.71 7.01
N PRO B 174 13.17 -13.56 7.97
CA PRO B 174 12.14 -14.06 8.88
C PRO B 174 11.53 -12.93 9.72
N TYR B 175 12.36 -11.95 10.10
CA TYR B 175 11.86 -10.79 10.83
C TYR B 175 10.90 -10.00 9.95
N THR B 176 11.33 -9.77 8.71
CA THR B 176 10.52 -9.06 7.74
C THR B 176 9.15 -9.73 7.59
N VAL B 177 9.18 -11.05 7.38
CA VAL B 177 7.94 -11.81 7.19
C VAL B 177 7.05 -11.73 8.42
N ALA B 178 7.64 -11.90 9.60
CA ALA B 178 6.89 -11.81 10.86
C ALA B 178 6.24 -10.43 11.04
N LYS B 179 6.99 -9.38 10.71
CA LYS B 179 6.45 -8.03 10.85
C LYS B 179 5.41 -7.71 9.77
N GLY B 180 5.56 -8.31 8.59
CA GLY B 180 4.51 -8.19 7.57
C GLY B 180 3.26 -8.91 8.07
N GLY B 181 3.48 -10.02 8.78
CA GLY B 181 2.38 -10.74 9.39
C GLY B 181 1.70 -9.91 10.47
N ILE B 182 2.49 -9.13 11.21
CA ILE B 182 2.00 -8.30 12.30
C ILE B 182 1.08 -7.20 11.75
N LYS B 183 1.49 -6.60 10.64
CA LYS B 183 0.65 -5.63 9.98
C LYS B 183 -0.70 -6.23 9.64
N MET B 184 -0.73 -7.44 9.09
CA MET B 184 -2.01 -8.07 8.74
C MET B 184 -2.74 -8.62 9.96
N LEU B 185 -1.99 -9.03 10.98
CA LEU B 185 -2.63 -9.44 12.23
C LEU B 185 -3.42 -8.27 12.81
N THR B 186 -2.87 -7.06 12.68
CA THR B 186 -3.50 -5.86 13.18
C THR B 186 -4.84 -5.67 12.49
N ARG B 187 -4.84 -5.82 11.17
CA ARG B 187 -6.06 -5.67 10.40
C ARG B 187 -7.08 -6.76 10.70
N ALA B 188 -6.58 -7.97 10.96
CA ALA B 188 -7.46 -9.08 11.32
C ALA B 188 -8.11 -8.81 12.69
N MET B 189 -7.34 -8.26 13.61
CA MET B 189 -7.87 -7.90 14.92
C MET B 189 -8.96 -6.83 14.79
N ALA B 190 -8.72 -5.80 13.99
CA ALA B 190 -9.76 -4.79 13.76
C ALA B 190 -10.99 -5.43 13.12
N ALA B 191 -10.78 -6.29 12.13
CA ALA B 191 -11.91 -6.91 11.43
C ALA B 191 -12.85 -7.63 12.39
N GLU B 192 -12.29 -8.31 13.39
CA GLU B 192 -13.09 -9.10 14.30
C GLU B 192 -13.53 -8.37 15.57
N TRP B 193 -12.74 -7.39 16.01
CA TRP B 193 -12.95 -6.86 17.36
C TRP B 193 -13.38 -5.40 17.41
N ALA B 194 -13.23 -4.68 16.30
CA ALA B 194 -13.63 -3.27 16.28
C ALA B 194 -15.08 -3.06 16.68
N GLN B 195 -15.94 -4.00 16.29
CA GLN B 195 -17.37 -3.93 16.57
C GLN B 195 -17.64 -4.00 18.07
N TYR B 196 -16.68 -4.50 18.84
CA TYR B 196 -16.83 -4.58 20.30
C TYR B 196 -16.16 -3.42 21.03
N GLY B 197 -15.79 -2.37 20.30
CA GLY B 197 -15.22 -1.18 20.92
C GLY B 197 -13.72 -1.26 21.22
N ILE B 198 -13.06 -2.21 20.58
CA ILE B 198 -11.61 -2.41 20.72
C ILE B 198 -10.89 -1.84 19.49
N GLN B 199 -9.84 -1.05 19.70
CA GLN B 199 -9.08 -0.56 18.56
C GLN B 199 -7.74 -1.25 18.49
N ALA B 200 -7.51 -1.97 17.40
CA ALA B 200 -6.21 -2.60 17.19
C ALA B 200 -5.46 -1.84 16.11
N ASN B 201 -4.29 -1.33 16.46
CA ASN B 201 -3.46 -0.58 15.52
C ASN B 201 -2.01 -0.99 15.72
N ALA B 202 -1.11 -0.43 14.91
CA ALA B 202 0.31 -0.79 15.00
C ALA B 202 1.23 0.41 14.86
N ILE B 203 2.44 0.27 15.39
CA ILE B 203 3.49 1.26 15.22
C ILE B 203 4.62 0.58 14.45
N GLY B 204 5.14 1.24 13.42
CA GLY B 204 6.31 0.72 12.73
C GLY B 204 7.49 1.63 12.99
N PRO B 205 8.35 1.27 13.96
CA PRO B 205 9.52 2.09 14.25
C PRO B 205 10.53 2.00 13.11
N GLY B 206 11.15 3.13 12.80
CA GLY B 206 12.25 3.14 11.86
C GLY B 206 13.52 2.76 12.58
N TYR B 207 14.64 3.34 12.16
CA TYR B 207 15.91 3.04 12.81
C TYR B 207 16.09 3.93 14.03
N MET B 208 16.06 3.30 15.19
CA MET B 208 16.07 4.00 16.46
C MET B 208 17.40 3.81 17.20
N LEU B 209 17.83 4.85 17.90
CA LEU B 209 19.04 4.77 18.71
C LEU B 209 18.75 3.94 19.96
N THR B 210 18.89 2.63 19.84
CA THR B 210 18.57 1.69 20.90
C THR B 210 19.59 0.55 20.90
N ASP B 211 19.74 -0.13 22.04
CA ASP B 211 20.84 -1.10 22.21
C ASP B 211 20.82 -2.27 21.21
N MET B 212 19.63 -2.70 20.79
CA MET B 212 19.49 -3.76 19.80
C MET B 212 20.11 -3.40 18.46
N ASN B 213 20.25 -2.09 18.22
CA ASN B 213 20.79 -1.57 16.97
C ASN B 213 22.23 -1.08 17.09
N GLN B 214 22.82 -1.24 18.27
CA GLN B 214 24.16 -0.70 18.53
C GLN B 214 25.20 -1.12 17.49
N ALA B 215 25.08 -2.36 17.02
CA ALA B 215 25.99 -2.88 15.99
C ALA B 215 25.87 -2.10 14.68
N LEU B 216 24.63 -1.80 14.28
CA LEU B 216 24.36 -0.98 13.11
C LEU B 216 24.85 0.46 13.32
N ILE B 217 24.50 1.03 14.47
CA ILE B 217 24.89 2.38 14.86
C ILE B 217 26.40 2.55 14.85
N ASP B 218 27.12 1.50 15.24
CA ASP B 218 28.59 1.51 15.26
C ASP B 218 29.21 1.39 13.87
N ASN B 219 28.45 0.90 12.90
CA ASN B 219 28.94 0.78 11.53
C ASN B 219 28.79 2.11 10.79
N PRO B 220 29.93 2.76 10.49
CA PRO B 220 29.97 4.09 9.87
C PRO B 220 29.24 4.10 8.53
N GLU B 221 29.35 3.01 7.78
CA GLU B 221 28.70 2.89 6.49
C GLU B 221 27.18 2.74 6.67
N PHE B 222 26.76 1.92 7.63
CA PHE B 222 25.34 1.76 7.88
C PHE B 222 24.76 3.05 8.43
N ASP B 223 25.51 3.69 9.32
CA ASP B 223 25.14 4.99 9.88
C ASP B 223 24.93 6.01 8.77
N ALA B 224 25.89 6.10 7.85
CA ALA B 224 25.78 7.03 6.73
C ALA B 224 24.56 6.70 5.86
N TRP B 225 24.30 5.41 5.64
CA TRP B 225 23.15 5.01 4.83
C TRP B 225 21.83 5.45 5.48
N VAL B 226 21.67 5.17 6.78
CA VAL B 226 20.47 5.61 7.48
C VAL B 226 20.21 7.10 7.25
N LYS B 227 21.24 7.91 7.50
CA LYS B 227 21.13 9.37 7.39
C LYS B 227 20.84 9.84 5.97
N ALA B 228 21.37 9.14 4.97
CA ALA B 228 21.10 9.49 3.57
C ALA B 228 19.77 8.94 3.06
N ARG B 229 19.29 7.85 3.66
CA ARG B 229 18.09 7.16 3.18
C ARG B 229 16.82 7.74 3.81
N THR B 230 16.98 8.38 4.97
CA THR B 230 15.89 8.96 5.72
C THR B 230 15.78 10.45 5.37
N PRO B 231 14.58 10.89 4.95
CA PRO B 231 14.36 12.29 4.60
C PRO B 231 14.70 13.24 5.77
N ALA B 232 14.43 12.81 7.00
CA ALA B 232 14.74 13.63 8.17
C ALA B 232 16.25 13.67 8.42
N LYS B 233 16.99 12.84 7.69
CA LYS B 233 18.45 12.77 7.80
C LYS B 233 18.99 12.46 9.21
N ARG B 234 18.27 11.63 9.96
CA ARG B 234 18.70 11.28 11.30
C ARG B 234 18.03 9.99 11.79
N TRP B 235 18.65 9.34 12.78
CA TRP B 235 18.01 8.25 13.48
C TRP B 235 16.93 8.80 14.40
N GLY B 236 15.95 7.96 14.75
CA GLY B 236 14.98 8.34 15.76
C GLY B 236 15.47 8.00 17.16
N LYS B 237 14.99 8.74 18.16
CA LYS B 237 15.28 8.40 19.55
C LYS B 237 14.11 7.56 20.08
N PRO B 238 14.38 6.64 21.02
CA PRO B 238 13.31 5.77 21.53
C PRO B 238 12.11 6.55 22.06
N GLN B 239 12.34 7.69 22.72
CA GLN B 239 11.24 8.47 23.27
C GLN B 239 10.35 9.06 22.17
N GLU B 240 10.85 9.09 20.93
CA GLU B 240 10.02 9.57 19.82
C GLU B 240 8.93 8.58 19.39
N LEU B 241 8.88 7.41 20.03
CA LEU B 241 7.77 6.48 19.83
C LEU B 241 6.62 6.76 20.79
N VAL B 242 6.90 7.54 21.83
CA VAL B 242 5.93 7.71 22.93
C VAL B 242 4.63 8.40 22.50
N GLY B 243 4.73 9.49 21.75
CA GLY B 243 3.54 10.17 21.27
C GLY B 243 2.61 9.23 20.52
N THR B 244 3.18 8.43 19.63
CA THR B 244 2.37 7.51 18.82
C THR B 244 1.75 6.44 19.72
N ALA B 245 2.54 5.89 20.64
CA ALA B 245 2.04 4.88 21.57
C ALA B 245 0.92 5.43 22.46
N VAL B 246 1.08 6.66 22.96
CA VAL B 246 0.02 7.28 23.78
C VAL B 246 -1.24 7.55 22.94
N PHE B 247 -1.07 8.15 21.77
CA PHE B 247 -2.15 8.39 20.82
C PHE B 247 -2.97 7.12 20.59
N LEU B 248 -2.29 6.02 20.27
CA LEU B 248 -2.97 4.77 19.95
C LEU B 248 -3.54 4.04 21.18
N SER B 249 -3.23 4.53 22.38
CA SER B 249 -3.73 3.92 23.61
C SER B 249 -4.86 4.74 24.25
N ALA B 250 -5.10 5.94 23.72
CA ALA B 250 -5.97 6.92 24.37
C ALA B 250 -7.28 7.10 23.59
N SER B 251 -8.22 7.84 24.16
CA SER B 251 -9.50 8.07 23.48
C SER B 251 -9.33 8.87 22.19
N ALA B 252 -8.20 9.58 22.07
CA ALA B 252 -7.85 10.31 20.86
C ALA B 252 -7.89 9.46 19.58
N SER B 253 -7.77 8.14 19.73
CA SER B 253 -7.77 7.25 18.58
C SER B 253 -8.95 6.29 18.60
N ASP B 254 -10.05 6.67 19.24
CA ASP B 254 -11.21 5.77 19.33
C ASP B 254 -11.81 5.31 17.99
N TYR B 255 -11.65 6.10 16.92
CA TYR B 255 -12.17 5.69 15.60
C TYR B 255 -11.03 5.33 14.65
N VAL B 256 -9.84 5.14 15.21
CA VAL B 256 -8.70 4.69 14.43
C VAL B 256 -8.62 3.16 14.63
N ASN B 257 -8.61 2.41 13.53
N ASN B 257 -8.69 2.41 13.52
CA ASN B 257 -8.58 0.95 13.64
CA ASN B 257 -8.66 0.94 13.60
C ASN B 257 -7.89 0.34 12.45
C ASN B 257 -7.86 0.37 12.43
N GLY B 258 -7.00 -0.61 12.71
CA GLY B 258 -6.32 -1.34 11.66
C GLY B 258 -5.20 -0.58 10.98
N GLN B 259 -4.79 0.54 11.58
CA GLN B 259 -3.75 1.38 10.98
C GLN B 259 -2.38 0.95 11.44
N ILE B 260 -1.38 1.06 10.57
CA ILE B 260 0.00 1.04 11.06
C ILE B 260 0.64 2.39 10.81
N ILE B 261 1.19 2.98 11.87
CA ILE B 261 1.78 4.31 11.78
C ILE B 261 3.29 4.16 11.87
N TYR B 262 3.98 4.52 10.79
CA TYR B 262 5.43 4.41 10.75
C TYR B 262 6.06 5.63 11.37
N VAL B 263 7.06 5.40 12.22
CA VAL B 263 7.74 6.48 12.93
C VAL B 263 9.20 6.38 12.49
N ASP B 264 9.49 6.98 11.34
CA ASP B 264 10.70 6.63 10.61
C ASP B 264 11.36 7.80 9.90
N GLY B 265 11.01 9.02 10.29
CA GLY B 265 11.59 10.21 9.65
C GLY B 265 11.29 10.32 8.17
N GLY B 266 10.29 9.57 7.69
CA GLY B 266 9.89 9.64 6.28
C GLY B 266 10.46 8.54 5.40
N MET B 267 11.23 7.65 6.00
CA MET B 267 11.99 6.67 5.23
C MET B 267 11.14 5.83 4.26
N LEU B 268 10.00 5.34 4.75
CA LEU B 268 9.13 4.47 3.94
C LEU B 268 8.42 5.23 2.83
N SER B 269 8.41 6.56 2.94
CA SER B 269 7.65 7.39 2.02
C SER B 269 8.39 7.77 0.74
N VAL B 270 9.70 7.53 0.72
CA VAL B 270 10.55 8.05 -0.36
C VAL B 270 11.45 6.98 -0.96
N LEU B 271 11.88 7.20 -2.21
CA LEU B 271 12.89 6.34 -2.79
C LEU B 271 14.19 6.52 -2.01
N GLN C 19 4.28 -15.30 -28.77
CA GLN C 19 5.39 -14.33 -28.82
C GLN C 19 6.51 -14.70 -27.87
N ILE C 20 7.73 -14.33 -28.26
CA ILE C 20 8.92 -14.79 -27.55
C ILE C 20 8.96 -14.34 -26.09
N ILE C 21 8.44 -13.16 -25.79
CA ILE C 21 8.53 -12.67 -24.40
C ILE C 21 7.60 -13.40 -23.44
N PHE C 22 6.67 -14.22 -23.97
CA PHE C 22 5.80 -14.99 -23.07
C PHE C 22 6.08 -16.49 -23.16
N ASP C 23 7.10 -16.85 -23.91
CA ASP C 23 7.39 -18.27 -24.16
C ASP C 23 8.23 -18.86 -23.03
N LEU C 24 7.88 -20.08 -22.59
CA LEU C 24 8.60 -20.72 -21.51
C LEU C 24 9.35 -21.97 -21.98
N GLY C 25 9.49 -22.12 -23.29
CA GLY C 25 10.22 -23.25 -23.84
C GLY C 25 11.62 -23.25 -23.26
N GLY C 26 12.11 -24.42 -22.87
CA GLY C 26 13.46 -24.53 -22.34
C GLY C 26 13.51 -24.24 -20.85
N ARG C 27 12.34 -24.10 -20.23
N ARG C 27 12.34 -24.13 -20.22
CA ARG C 27 12.24 -23.90 -18.78
CA ARG C 27 12.28 -23.92 -18.78
C ARG C 27 11.40 -24.99 -18.15
C ARG C 27 11.38 -24.97 -18.15
N THR C 28 11.59 -25.22 -16.86
CA THR C 28 10.83 -26.20 -16.11
C THR C 28 10.18 -25.55 -14.89
N ALA C 29 8.88 -25.77 -14.70
CA ALA C 29 8.15 -25.15 -13.60
C ALA C 29 7.68 -26.20 -12.59
N LEU C 30 7.91 -25.93 -11.31
CA LEU C 30 7.36 -26.73 -10.23
C LEU C 30 6.22 -25.96 -9.63
N VAL C 31 5.00 -26.52 -9.69
CA VAL C 31 3.87 -25.86 -9.05
C VAL C 31 3.39 -26.73 -7.90
N THR C 32 3.46 -26.23 -6.67
CA THR C 32 3.00 -27.03 -5.54
C THR C 32 1.47 -27.01 -5.48
N GLY C 33 0.89 -28.12 -5.04
CA GLY C 33 -0.55 -28.24 -4.96
C GLY C 33 -1.18 -28.04 -6.32
N SER C 34 -0.59 -28.66 -7.35
CA SER C 34 -1.08 -28.48 -8.71
C SER C 34 -1.87 -29.69 -9.22
N SER C 35 -2.26 -30.60 -8.34
CA SER C 35 -3.04 -31.75 -8.80
C SER C 35 -4.47 -31.34 -9.10
N ARG C 36 -4.90 -30.20 -8.56
CA ARG C 36 -6.27 -29.73 -8.74
C ARG C 36 -6.35 -28.23 -8.48
N GLY C 37 -7.53 -27.64 -8.69
CA GLY C 37 -7.79 -26.26 -8.30
C GLY C 37 -6.97 -25.20 -9.04
N LEU C 38 -6.65 -24.11 -8.35
CA LEU C 38 -5.89 -23.01 -8.95
C LEU C 38 -4.53 -23.48 -9.41
N GLY C 39 -3.89 -24.34 -8.61
CA GLY C 39 -2.54 -24.78 -8.94
C GLY C 39 -2.53 -25.52 -10.25
N ARG C 40 -3.50 -26.41 -10.42
CA ARG C 40 -3.62 -27.15 -11.65
C ARG C 40 -3.86 -26.23 -12.85
N ALA C 41 -4.72 -25.23 -12.68
CA ALA C 41 -5.02 -24.30 -13.76
C ALA C 41 -3.78 -23.51 -14.19
N MET C 42 -3.00 -23.07 -13.21
CA MET C 42 -1.78 -22.34 -13.52
C MET C 42 -0.75 -23.24 -14.19
N ALA C 43 -0.61 -24.47 -13.68
CA ALA C 43 0.35 -25.42 -14.26
C ALA C 43 0.02 -25.66 -15.72
N GLU C 44 -1.26 -25.80 -16.02
CA GLU C 44 -1.69 -26.02 -17.41
C GLU C 44 -1.34 -24.83 -18.31
N GLY C 45 -1.59 -23.61 -17.84
CA GLY C 45 -1.20 -22.43 -18.58
C GLY C 45 0.30 -22.34 -18.80
N LEU C 46 1.07 -22.68 -17.77
CA LEU C 46 2.53 -22.68 -17.90
C LEU C 46 2.94 -23.71 -18.95
N ALA C 47 2.26 -24.85 -18.98
CA ALA C 47 2.59 -25.88 -19.98
C ALA C 47 2.24 -25.38 -21.37
N VAL C 48 1.09 -24.73 -21.50
CA VAL C 48 0.70 -24.19 -22.80
C VAL C 48 1.74 -23.17 -23.28
N ALA C 49 2.33 -22.43 -22.35
CA ALA C 49 3.36 -21.46 -22.66
C ALA C 49 4.69 -22.10 -23.05
N GLY C 50 4.82 -23.40 -22.80
CA GLY C 50 6.02 -24.12 -23.24
C GLY C 50 6.84 -24.75 -22.13
N ALA C 51 6.48 -24.47 -20.87
CA ALA C 51 7.30 -25.00 -19.78
C ALA C 51 7.09 -26.49 -19.59
N ARG C 52 8.16 -27.19 -19.26
CA ARG C 52 8.04 -28.53 -18.70
C ARG C 52 7.45 -28.38 -17.30
N ILE C 53 6.53 -29.26 -16.91
CA ILE C 53 5.78 -29.06 -15.68
C ILE C 53 5.97 -30.17 -14.65
N LEU C 54 6.25 -29.79 -13.41
CA LEU C 54 6.30 -30.77 -12.32
C LEU C 54 5.05 -30.58 -11.45
N ILE C 55 4.24 -31.63 -11.37
CA ILE C 55 2.97 -31.61 -10.67
C ILE C 55 3.14 -32.14 -9.24
N ASN C 56 2.61 -31.43 -8.27
CA ASN C 56 2.76 -31.82 -6.87
C ASN C 56 1.43 -31.79 -6.15
N GLY C 57 1.17 -32.78 -5.29
CA GLY C 57 -0.05 -32.82 -4.53
C GLY C 57 0.01 -33.94 -3.52
N THR C 58 -0.93 -33.97 -2.57
CA THR C 58 -0.91 -34.95 -1.50
C THR C 58 -1.46 -36.33 -1.90
N ASP C 59 -2.37 -36.34 -2.86
CA ASP C 59 -2.98 -37.59 -3.33
C ASP C 59 -2.21 -38.08 -4.56
N PRO C 60 -1.45 -39.18 -4.43
CA PRO C 60 -0.61 -39.65 -5.52
C PRO C 60 -1.41 -40.09 -6.74
N SER C 61 -2.64 -40.57 -6.52
CA SER C 61 -3.51 -40.96 -7.63
C SER C 61 -3.98 -39.75 -8.41
N ARG C 62 -4.39 -38.70 -7.70
CA ARG C 62 -4.82 -37.47 -8.35
C ARG C 62 -3.66 -36.79 -9.07
N VAL C 63 -2.48 -36.85 -8.49
CA VAL C 63 -1.32 -36.27 -9.15
C VAL C 63 -1.04 -37.03 -10.45
N ALA C 64 -1.08 -38.36 -10.37
CA ALA C 64 -0.77 -39.19 -11.55
C ALA C 64 -1.79 -38.99 -12.65
N GLN C 65 -3.05 -38.82 -12.27
CA GLN C 65 -4.13 -38.58 -13.23
C GLN C 65 -4.00 -37.22 -13.92
N THR C 66 -3.63 -36.21 -13.16
CA THR C 66 -3.39 -34.89 -13.73
C THR C 66 -2.19 -34.89 -14.69
N VAL C 67 -1.12 -35.59 -14.31
CA VAL C 67 0.05 -35.74 -15.19
C VAL C 67 -0.40 -36.40 -16.48
N GLN C 68 -1.20 -37.46 -16.37
CA GLN C 68 -1.72 -38.13 -17.56
C GLN C 68 -2.49 -37.16 -18.49
N GLU C 69 -3.37 -36.36 -17.91
CA GLU C 69 -4.19 -35.45 -18.72
C GLU C 69 -3.32 -34.41 -19.44
N PHE C 70 -2.25 -33.94 -18.79
CA PHE C 70 -1.30 -33.04 -19.43
C PHE C 70 -0.58 -33.73 -20.59
N ARG C 71 -0.17 -34.98 -20.39
CA ARG C 71 0.54 -35.69 -21.44
C ARG C 71 -0.36 -35.99 -22.63
N ASN C 72 -1.66 -36.12 -22.37
CA ASN C 72 -2.64 -36.43 -23.43
C ASN C 72 -2.72 -35.32 -24.46
N VAL C 73 -2.39 -34.11 -24.05
CA VAL C 73 -2.43 -32.98 -24.97
C VAL C 73 -1.01 -32.56 -25.38
N GLY C 74 -0.01 -33.36 -25.00
CA GLY C 74 1.35 -33.14 -25.47
C GLY C 74 2.25 -32.35 -24.52
N HIS C 75 1.75 -31.99 -23.34
CA HIS C 75 2.60 -31.29 -22.37
C HIS C 75 3.61 -32.26 -21.77
N ASP C 76 4.80 -31.76 -21.44
CA ASP C 76 5.78 -32.57 -20.71
C ASP C 76 5.51 -32.38 -19.22
N ALA C 77 4.92 -33.38 -18.57
CA ALA C 77 4.57 -33.26 -17.15
C ALA C 77 5.03 -34.49 -16.40
N GLU C 78 5.37 -34.30 -15.12
CA GLU C 78 5.90 -35.39 -14.32
C GLU C 78 5.49 -35.15 -12.87
N ALA C 79 5.32 -36.21 -12.09
CA ALA C 79 4.94 -36.11 -10.69
C ALA C 79 6.17 -35.84 -9.81
N VAL C 80 6.06 -34.89 -8.87
CA VAL C 80 7.11 -34.69 -7.88
C VAL C 80 6.48 -34.68 -6.50
N ALA C 81 6.75 -35.72 -5.72
CA ALA C 81 6.07 -35.93 -4.44
C ALA C 81 6.83 -35.34 -3.27
N PHE C 82 6.14 -34.51 -2.49
CA PHE C 82 6.59 -34.14 -1.16
C PHE C 82 5.49 -33.41 -0.42
N ASP C 83 5.40 -33.68 0.88
CA ASP C 83 4.58 -32.89 1.79
C ASP C 83 5.23 -31.51 1.92
N VAL C 84 4.51 -30.45 1.57
CA VAL C 84 5.09 -29.11 1.61
C VAL C 84 5.42 -28.60 3.01
N THR C 85 5.04 -29.34 4.04
CA THR C 85 5.37 -28.93 5.39
C THR C 85 6.51 -29.76 5.97
N SER C 86 6.99 -30.73 5.20
CA SER C 86 8.09 -31.58 5.66
C SER C 86 9.39 -31.13 5.02
N GLU C 87 10.27 -30.54 5.83
CA GLU C 87 11.56 -30.09 5.32
C GLU C 87 12.37 -31.25 4.72
N SER C 88 12.36 -32.40 5.39
CA SER C 88 13.15 -33.54 4.92
C SER C 88 12.65 -34.05 3.56
N GLU C 89 11.34 -34.13 3.40
CA GLU C 89 10.76 -34.53 2.12
C GLU C 89 11.03 -33.51 1.00
N ILE C 90 11.03 -32.23 1.35
CA ILE C 90 11.35 -31.19 0.38
C ILE C 90 12.80 -31.35 -0.06
N ILE C 91 13.69 -31.50 0.91
CA ILE C 91 15.11 -31.61 0.63
C ILE C 91 15.39 -32.85 -0.22
N GLU C 92 14.79 -33.98 0.16
CA GLU C 92 14.93 -35.21 -0.61
C GLU C 92 14.39 -35.09 -2.03
N ALA C 93 13.26 -34.40 -2.18
CA ALA C 93 12.66 -34.21 -3.49
C ALA C 93 13.60 -33.44 -4.43
N PHE C 94 14.20 -32.36 -3.94
CA PHE C 94 15.15 -31.60 -4.75
C PHE C 94 16.43 -32.38 -5.03
N ALA C 95 16.83 -33.23 -4.09
CA ALA C 95 17.97 -34.12 -4.32
C ALA C 95 17.69 -35.10 -5.45
N ARG C 96 16.48 -35.66 -5.48
CA ARG C 96 16.11 -36.54 -6.58
C ARG C 96 16.10 -35.78 -7.91
N LEU C 97 15.57 -34.56 -7.90
CA LEU C 97 15.55 -33.73 -9.11
C LEU C 97 16.98 -33.49 -9.63
N ASP C 98 17.89 -33.13 -8.72
CA ASP C 98 19.29 -32.90 -9.08
C ASP C 98 19.88 -34.14 -9.75
N GLU C 99 19.62 -35.29 -9.16
CA GLU C 99 20.19 -36.55 -9.61
C GLU C 99 19.69 -36.88 -11.01
N GLN C 100 18.45 -36.47 -11.30
CA GLN C 100 17.84 -36.73 -12.61
C GLN C 100 18.12 -35.63 -13.63
N GLY C 101 18.89 -34.62 -13.24
CA GLY C 101 19.23 -33.54 -14.15
C GLY C 101 18.06 -32.63 -14.44
N ILE C 102 17.08 -32.59 -13.54
CA ILE C 102 15.93 -31.71 -13.71
C ILE C 102 16.14 -30.40 -12.94
N ASP C 103 16.14 -29.29 -13.67
CA ASP C 103 16.26 -27.97 -13.06
C ASP C 103 14.87 -27.41 -12.75
N VAL C 104 14.73 -26.71 -11.64
CA VAL C 104 13.52 -25.93 -11.38
C VAL C 104 13.82 -24.48 -11.68
N ASP C 105 13.37 -23.99 -12.85
CA ASP C 105 13.61 -22.60 -13.25
C ASP C 105 12.54 -21.68 -12.72
N ILE C 106 11.34 -22.23 -12.58
CA ILE C 106 10.17 -21.49 -12.15
C ILE C 106 9.54 -22.26 -10.98
N LEU C 107 9.34 -21.58 -9.87
CA LEU C 107 8.65 -22.20 -8.75
C LEU C 107 7.39 -21.43 -8.46
N VAL C 108 6.25 -22.13 -8.43
CA VAL C 108 5.01 -21.51 -8.02
C VAL C 108 4.61 -22.10 -6.66
N ASN C 109 4.72 -21.31 -5.60
CA ASN C 109 4.33 -21.74 -4.26
C ASN C 109 2.83 -21.55 -4.06
N ASN C 110 2.06 -22.56 -4.46
CA ASN C 110 0.60 -22.47 -4.46
C ASN C 110 -0.04 -23.24 -3.32
N ALA C 111 0.66 -24.26 -2.83
CA ALA C 111 0.13 -25.09 -1.77
C ALA C 111 -0.31 -24.26 -0.55
N GLY C 112 -1.43 -24.65 0.04
CA GLY C 112 -1.93 -23.95 1.21
C GLY C 112 -3.28 -24.50 1.63
N ILE C 113 -3.69 -24.18 2.86
CA ILE C 113 -4.99 -24.61 3.34
C ILE C 113 -5.69 -23.42 3.98
N GLN C 114 -6.99 -23.57 4.16
CA GLN C 114 -7.81 -22.55 4.77
C GLN C 114 -8.38 -23.13 6.05
N PHE C 115 -8.69 -22.27 7.02
CA PHE C 115 -9.32 -22.72 8.26
C PHE C 115 -10.09 -21.56 8.85
N ARG C 116 -11.41 -21.68 8.89
CA ARG C 116 -12.25 -20.57 9.31
C ARG C 116 -12.67 -20.72 10.76
N LYS C 117 -12.46 -19.67 11.54
CA LYS C 117 -12.70 -19.69 12.98
C LYS C 117 -12.29 -18.31 13.52
N PRO C 118 -13.17 -17.67 14.31
CA PRO C 118 -12.85 -16.39 14.93
C PRO C 118 -11.64 -16.56 15.85
N MET C 119 -10.79 -15.54 15.96
CA MET C 119 -9.58 -15.64 16.80
C MET C 119 -9.79 -16.01 18.27
N ILE C 120 -10.86 -15.53 18.91
CA ILE C 120 -11.03 -15.86 20.33
C ILE C 120 -11.30 -17.36 20.54
N GLU C 121 -11.73 -18.04 19.48
CA GLU C 121 -11.99 -19.48 19.58
C GLU C 121 -10.89 -20.28 18.89
N LEU C 122 -9.99 -19.59 18.19
CA LEU C 122 -8.98 -20.28 17.42
C LEU C 122 -7.92 -20.95 18.29
N GLU C 123 -7.77 -22.27 18.14
CA GLU C 123 -6.73 -23.03 18.82
C GLU C 123 -5.39 -22.70 18.19
N THR C 124 -4.37 -22.58 19.02
CA THR C 124 -3.02 -22.24 18.55
C THR C 124 -2.50 -23.29 17.56
N ALA C 125 -2.82 -24.56 17.79
CA ALA C 125 -2.40 -25.62 16.87
C ALA C 125 -2.96 -25.41 15.47
N ASP C 126 -4.18 -24.90 15.37
CA ASP C 126 -4.76 -24.62 14.06
C ASP C 126 -4.12 -23.39 13.42
N TRP C 127 -3.92 -22.35 14.23
CA TRP C 127 -3.17 -21.17 13.80
C TRP C 127 -1.85 -21.63 13.23
N GLN C 128 -1.15 -22.48 13.98
CA GLN C 128 0.18 -22.93 13.57
C GLN C 128 0.19 -23.76 12.26
N ARG C 129 -0.82 -24.61 12.09
CA ARG C 129 -0.90 -25.42 10.89
C ARG C 129 -1.15 -24.56 9.65
N VAL C 130 -1.94 -23.51 9.81
CA VAL C 130 -2.17 -22.59 8.70
C VAL C 130 -0.89 -21.83 8.36
N ILE C 131 -0.18 -21.36 9.39
CA ILE C 131 1.08 -20.67 9.16
C ILE C 131 2.08 -21.60 8.45
N ASP C 132 2.26 -22.81 8.97
CA ASP C 132 3.22 -23.74 8.39
C ASP C 132 2.92 -24.07 6.93
N THR C 133 1.65 -24.36 6.66
N THR C 133 1.67 -24.40 6.64
CA THR C 133 1.25 -24.83 5.34
CA THR C 133 1.30 -24.84 5.30
C THR C 133 1.30 -23.74 4.28
C THR C 133 1.32 -23.72 4.26
N ASN C 134 0.97 -22.51 4.69
CA ASN C 134 0.88 -21.40 3.75
C ASN C 134 2.17 -20.60 3.62
N LEU C 135 2.87 -20.44 4.74
CA LEU C 135 3.98 -19.49 4.78
C LEU C 135 5.35 -20.16 4.88
N THR C 136 5.55 -20.97 5.92
CA THR C 136 6.81 -21.65 6.14
C THR C 136 7.14 -22.58 4.98
N SER C 137 6.11 -23.22 4.44
CA SER C 137 6.26 -24.07 3.25
C SER C 137 6.90 -23.28 2.11
N ALA C 138 6.36 -22.09 1.85
CA ALA C 138 6.89 -21.27 0.76
C ALA C 138 8.33 -20.82 1.01
N PHE C 139 8.68 -20.59 2.27
CA PHE C 139 10.06 -20.25 2.59
C PHE C 139 11.02 -21.43 2.35
N MET C 140 10.65 -22.61 2.86
CA MET C 140 11.51 -23.78 2.76
C MET C 140 11.72 -24.20 1.32
N ILE C 141 10.64 -24.21 0.55
CA ILE C 141 10.71 -24.63 -0.84
C ILE C 141 11.40 -23.57 -1.71
N GLY C 142 11.05 -22.30 -1.46
CA GLY C 142 11.73 -21.20 -2.14
C GLY C 142 13.23 -21.21 -1.88
N ARG C 143 13.62 -21.40 -0.63
CA ARG C 143 15.04 -21.48 -0.27
C ARG C 143 15.75 -22.61 -1.01
N GLU C 144 15.13 -23.80 -1.04
CA GLU C 144 15.72 -24.94 -1.75
C GLU C 144 15.85 -24.66 -3.25
N ALA C 145 14.84 -24.02 -3.83
CA ALA C 145 14.85 -23.72 -5.26
C ALA C 145 15.90 -22.66 -5.59
N ALA C 146 15.96 -21.63 -4.75
CA ALA C 146 16.90 -20.53 -4.96
C ALA C 146 18.36 -20.98 -4.92
N LYS C 147 18.66 -21.94 -4.05
CA LYS C 147 20.02 -22.46 -3.95
C LYS C 147 20.52 -23.00 -5.30
N ARG C 148 19.60 -23.47 -6.15
CA ARG C 148 19.98 -23.97 -7.47
C ARG C 148 19.89 -22.90 -8.54
N MET C 149 18.95 -21.97 -8.37
CA MET C 149 18.77 -20.91 -9.37
C MET C 149 19.97 -19.96 -9.36
N ILE C 150 20.47 -19.67 -8.17
CA ILE C 150 21.57 -18.69 -8.05
C ILE C 150 22.80 -19.02 -8.91
N PRO C 151 23.38 -20.22 -8.77
CA PRO C 151 24.52 -20.53 -9.66
C PRO C 151 24.15 -20.47 -11.14
N ARG C 152 22.89 -20.72 -11.48
CA ARG C 152 22.45 -20.62 -12.88
C ARG C 152 22.22 -19.18 -13.33
N GLY C 153 22.14 -18.24 -12.39
CA GLY C 153 21.96 -16.85 -12.74
C GLY C 153 20.59 -16.51 -13.31
N TYR C 154 19.59 -17.32 -12.99
N TYR C 154 19.59 -17.34 -12.97
CA TYR C 154 18.23 -16.99 -13.39
CA TYR C 154 18.24 -17.23 -13.53
C TYR C 154 17.24 -17.89 -12.67
C TYR C 154 17.22 -17.94 -12.64
N GLY C 155 16.04 -17.35 -12.48
CA GLY C 155 14.97 -18.05 -11.81
C GLY C 155 13.73 -17.19 -11.66
N LYS C 156 12.58 -17.84 -11.51
CA LYS C 156 11.34 -17.14 -11.26
C LYS C 156 10.68 -17.78 -10.06
N ILE C 157 10.36 -16.98 -9.05
CA ILE C 157 9.55 -17.50 -7.95
C ILE C 157 8.24 -16.71 -7.88
N VAL C 158 7.14 -17.45 -7.90
CA VAL C 158 5.83 -16.85 -7.87
C VAL C 158 5.11 -17.38 -6.64
N ASN C 159 4.97 -16.56 -5.61
CA ASN C 159 4.25 -16.96 -4.41
C ASN C 159 2.77 -16.68 -4.61
N ILE C 160 1.91 -17.55 -4.08
CA ILE C 160 0.48 -17.31 -4.21
C ILE C 160 -0.04 -16.70 -2.93
N GLY C 161 -0.43 -15.44 -3.01
CA GLY C 161 -0.95 -14.71 -1.88
C GLY C 161 -2.46 -14.82 -1.88
N SER C 162 -3.14 -13.71 -1.59
CA SER C 162 -4.59 -13.70 -1.52
C SER C 162 -5.00 -12.23 -1.43
N LEU C 163 -6.29 -11.94 -1.53
CA LEU C 163 -6.78 -10.61 -1.21
C LEU C 163 -6.45 -10.31 0.24
N THR C 164 -6.41 -11.37 1.05
CA THR C 164 -6.08 -11.23 2.48
C THR C 164 -4.58 -10.95 2.74
N SER C 165 -3.77 -10.90 1.68
CA SER C 165 -2.40 -10.40 1.79
C SER C 165 -2.46 -8.91 2.08
N GLU C 166 -3.62 -8.31 1.81
CA GLU C 166 -3.79 -6.86 1.92
C GLU C 166 -4.97 -6.45 2.81
N LEU C 167 -6.11 -7.12 2.64
CA LEU C 167 -7.30 -6.76 3.42
C LEU C 167 -7.76 -7.93 4.29
N ALA C 168 -8.10 -7.66 5.55
CA ALA C 168 -8.49 -8.73 6.46
C ALA C 168 -9.96 -9.12 6.24
N ARG C 169 -10.32 -10.30 6.72
CA ARG C 169 -11.73 -10.71 6.80
C ARG C 169 -11.93 -11.52 8.07
N ALA C 170 -13.00 -11.21 8.81
CA ALA C 170 -13.31 -11.94 10.03
C ALA C 170 -13.36 -13.45 9.76
N THR C 171 -12.82 -14.22 10.70
CA THR C 171 -12.81 -15.70 10.74
C THR C 171 -11.66 -16.34 9.98
N VAL C 172 -10.95 -15.57 9.16
CA VAL C 172 -9.80 -16.13 8.46
C VAL C 172 -8.47 -15.45 8.82
N ALA C 173 -8.29 -15.17 10.11
CA ALA C 173 -7.07 -14.49 10.58
C ALA C 173 -5.73 -15.22 10.29
N PRO C 174 -5.62 -16.51 10.66
CA PRO C 174 -4.31 -17.15 10.42
C PRO C 174 -3.98 -17.22 8.93
N TYR C 175 -5.00 -17.44 8.10
CA TYR C 175 -4.82 -17.39 6.64
C TYR C 175 -4.40 -15.99 6.22
N THR C 176 -5.09 -14.98 6.76
CA THR C 176 -4.78 -13.59 6.46
C THR C 176 -3.31 -13.27 6.81
N VAL C 177 -2.91 -13.67 8.02
CA VAL C 177 -1.56 -13.39 8.49
C VAL C 177 -0.54 -14.12 7.62
N ALA C 178 -0.82 -15.38 7.30
CA ALA C 178 0.09 -16.18 6.47
C ALA C 178 0.28 -15.55 5.10
N LYS C 179 -0.82 -15.11 4.50
CA LYS C 179 -0.77 -14.48 3.18
C LYS C 179 -0.13 -13.08 3.21
N GLY C 180 -0.29 -12.37 4.32
CA GLY C 180 0.42 -11.11 4.53
C GLY C 180 1.90 -11.43 4.59
N GLY C 181 2.23 -12.51 5.29
CA GLY C 181 3.60 -13.00 5.33
C GLY C 181 4.11 -13.36 3.95
N ILE C 182 3.27 -14.02 3.16
CA ILE C 182 3.64 -14.35 1.77
C ILE C 182 4.06 -13.12 0.97
N LYS C 183 3.26 -12.07 1.07
CA LYS C 183 3.59 -10.80 0.40
C LYS C 183 4.98 -10.28 0.81
N MET C 184 5.27 -10.29 2.11
CA MET C 184 6.55 -9.76 2.59
C MET C 184 7.71 -10.74 2.31
N LEU C 185 7.41 -12.03 2.33
CA LEU C 185 8.38 -13.04 1.93
C LEU C 185 8.82 -12.79 0.49
N THR C 186 7.84 -12.50 -0.36
CA THR C 186 8.12 -12.21 -1.77
C THR C 186 9.14 -11.07 -1.89
N ARG C 187 8.96 -10.02 -1.09
CA ARG C 187 9.88 -8.89 -1.11
C ARG C 187 11.25 -9.24 -0.54
N ALA C 188 11.28 -10.06 0.52
CA ALA C 188 12.53 -10.48 1.11
C ALA C 188 13.31 -11.29 0.09
N MET C 189 12.60 -12.11 -0.68
CA MET C 189 13.23 -12.86 -1.75
C MET C 189 13.83 -11.94 -2.80
N ALA C 190 13.07 -10.94 -3.24
CA ALA C 190 13.58 -9.98 -4.21
C ALA C 190 14.82 -9.29 -3.66
N ALA C 191 14.74 -8.92 -2.38
CA ALA C 191 15.84 -8.22 -1.70
C ALA C 191 17.17 -8.98 -1.76
N GLU C 192 17.12 -10.29 -1.53
CA GLU C 192 18.34 -11.08 -1.49
C GLU C 192 18.74 -11.68 -2.83
N TRP C 193 17.74 -11.93 -3.70
CA TRP C 193 18.00 -12.74 -4.89
C TRP C 193 17.91 -12.01 -6.23
N ALA C 194 17.29 -10.84 -6.27
CA ALA C 194 17.19 -10.09 -7.53
C ALA C 194 18.55 -9.88 -8.18
N GLN C 195 19.58 -9.67 -7.36
CA GLN C 195 20.92 -9.38 -7.88
C GLN C 195 21.52 -10.60 -8.59
N TYR C 196 20.99 -11.78 -8.30
CA TYR C 196 21.49 -12.99 -8.94
C TYR C 196 20.64 -13.36 -10.16
N GLY C 197 19.76 -12.46 -10.56
CA GLY C 197 18.96 -12.69 -11.76
C GLY C 197 17.68 -13.47 -11.52
N ILE C 198 17.27 -13.54 -10.27
CA ILE C 198 16.02 -14.21 -9.91
C ILE C 198 14.95 -13.16 -9.64
N GLN C 199 13.79 -13.30 -10.27
CA GLN C 199 12.65 -12.42 -9.98
C GLN C 199 11.65 -13.15 -9.12
N ALA C 200 11.37 -12.58 -7.95
CA ALA C 200 10.39 -13.16 -7.05
C ALA C 200 9.21 -12.23 -6.98
N ASN C 201 8.04 -12.75 -7.35
CA ASN C 201 6.82 -11.96 -7.37
C ASN C 201 5.67 -12.80 -6.83
N ALA C 202 4.47 -12.22 -6.78
CA ALA C 202 3.33 -12.93 -6.21
C ALA C 202 2.04 -12.64 -6.94
N ILE C 203 1.10 -13.57 -6.80
CA ILE C 203 -0.24 -13.40 -7.35
C ILE C 203 -1.24 -13.45 -6.20
N GLY C 204 -2.19 -12.51 -6.18
CA GLY C 204 -3.23 -12.56 -5.17
C GLY C 204 -4.58 -12.83 -5.81
N PRO C 205 -4.96 -14.11 -5.93
CA PRO C 205 -6.25 -14.42 -6.56
C PRO C 205 -7.37 -13.83 -5.74
N GLY C 206 -8.43 -13.37 -6.40
CA GLY C 206 -9.61 -12.89 -5.72
C GLY C 206 -10.52 -14.07 -5.44
N TYR C 207 -11.83 -13.85 -5.46
CA TYR C 207 -12.76 -14.96 -5.25
C TYR C 207 -12.94 -15.78 -6.53
N MET C 208 -12.42 -17.00 -6.51
CA MET C 208 -12.35 -17.84 -7.69
C MET C 208 -13.29 -19.03 -7.54
N LEU C 209 -13.81 -19.50 -8.66
CA LEU C 209 -14.72 -20.63 -8.69
C LEU C 209 -13.94 -21.94 -8.60
N THR C 210 -13.55 -22.32 -7.38
CA THR C 210 -12.88 -23.59 -7.13
C THR C 210 -13.64 -24.45 -6.11
N ASP C 211 -13.45 -25.76 -6.22
CA ASP C 211 -14.02 -26.73 -5.29
C ASP C 211 -13.76 -26.34 -3.84
N MET C 212 -12.57 -25.77 -3.58
CA MET C 212 -12.19 -25.33 -2.23
C MET C 212 -13.11 -24.20 -1.71
N ASN C 213 -13.73 -23.47 -2.62
CA ASN C 213 -14.58 -22.34 -2.24
C ASN C 213 -16.05 -22.69 -2.31
N GLN C 214 -16.34 -23.96 -2.56
CA GLN C 214 -17.70 -24.39 -2.89
C GLN C 214 -18.76 -24.05 -1.81
N ALA C 215 -18.34 -23.97 -0.56
CA ALA C 215 -19.27 -23.60 0.51
C ALA C 215 -19.71 -22.14 0.39
N LEU C 216 -18.75 -21.27 0.09
CA LEU C 216 -19.02 -19.84 -0.13
C LEU C 216 -19.88 -19.63 -1.37
N ILE C 217 -19.44 -20.24 -2.48
CA ILE C 217 -20.18 -20.20 -3.74
C ILE C 217 -21.63 -20.64 -3.58
N ASP C 218 -21.84 -21.66 -2.75
CA ASP C 218 -23.18 -22.23 -2.55
C ASP C 218 -24.00 -21.46 -1.50
N ASN C 219 -23.35 -20.58 -0.76
CA ASN C 219 -24.07 -19.68 0.14
C ASN C 219 -24.54 -18.46 -0.64
N PRO C 220 -25.85 -18.36 -0.89
CA PRO C 220 -26.41 -17.30 -1.75
C PRO C 220 -26.10 -15.89 -1.24
N GLU C 221 -25.98 -15.73 0.07
CA GLU C 221 -25.62 -14.44 0.65
C GLU C 221 -24.15 -14.08 0.35
N PHE C 222 -23.27 -15.08 0.45
CA PHE C 222 -21.86 -14.84 0.19
C PHE C 222 -21.65 -14.62 -1.30
N ASP C 223 -22.39 -15.39 -2.10
CA ASP C 223 -22.33 -15.23 -3.55
C ASP C 223 -22.73 -13.83 -3.97
N ALA C 224 -23.89 -13.38 -3.48
CA ALA C 224 -24.38 -12.04 -3.79
C ALA C 224 -23.39 -10.98 -3.32
N TRP C 225 -22.75 -11.21 -2.18
CA TRP C 225 -21.78 -10.27 -1.65
C TRP C 225 -20.57 -10.14 -2.58
N VAL C 226 -20.00 -11.28 -3.00
CA VAL C 226 -18.90 -11.24 -3.96
C VAL C 226 -19.25 -10.41 -5.19
N LYS C 227 -20.40 -10.69 -5.80
CA LYS C 227 -20.80 -9.99 -7.02
C LYS C 227 -21.02 -8.48 -6.80
N ALA C 228 -21.52 -8.09 -5.64
CA ALA C 228 -21.73 -6.67 -5.35
C ALA C 228 -20.42 -5.97 -4.92
N ARG C 229 -19.55 -6.73 -4.27
CA ARG C 229 -18.29 -6.17 -3.77
C ARG C 229 -17.23 -6.05 -4.88
N THR C 230 -17.36 -6.88 -5.92
CA THR C 230 -16.41 -6.88 -7.03
C THR C 230 -16.89 -5.97 -8.17
N PRO C 231 -16.08 -4.97 -8.55
CA PRO C 231 -16.42 -4.07 -9.67
C PRO C 231 -16.84 -4.86 -10.92
N ALA C 232 -16.12 -5.93 -11.21
CA ALA C 232 -16.47 -6.76 -12.35
C ALA C 232 -17.76 -7.53 -12.14
N LYS C 233 -18.29 -7.51 -10.91
CA LYS C 233 -19.56 -8.18 -10.58
C LYS C 233 -19.56 -9.69 -10.90
N ARG C 234 -18.45 -10.37 -10.68
CA ARG C 234 -18.42 -11.80 -10.93
C ARG C 234 -17.26 -12.47 -10.22
N TRP C 235 -17.37 -13.77 -10.02
CA TRP C 235 -16.28 -14.56 -9.48
C TRP C 235 -15.27 -14.75 -10.61
N GLY C 236 -14.01 -15.04 -10.27
CA GLY C 236 -13.04 -15.39 -11.29
C GLY C 236 -13.06 -16.88 -11.58
N LYS C 237 -12.69 -17.26 -12.80
CA LYS C 237 -12.49 -18.67 -13.10
C LYS C 237 -11.02 -18.97 -12.94
N PRO C 238 -10.68 -20.19 -12.46
CA PRO C 238 -9.29 -20.59 -12.18
C PRO C 238 -8.34 -20.27 -13.34
N GLN C 239 -8.78 -20.49 -14.57
CA GLN C 239 -7.89 -20.28 -15.70
C GLN C 239 -7.57 -18.80 -15.90
N GLU C 240 -8.31 -17.92 -15.22
CA GLU C 240 -8.03 -16.49 -15.31
C GLU C 240 -6.79 -16.05 -14.56
N LEU C 241 -6.13 -17.00 -13.91
CA LEU C 241 -4.84 -16.74 -13.27
C LEU C 241 -3.69 -17.03 -14.23
N VAL C 242 -3.98 -17.72 -15.32
CA VAL C 242 -2.94 -18.20 -16.22
C VAL C 242 -2.07 -17.06 -16.75
N GLY C 243 -2.71 -16.01 -17.27
CA GLY C 243 -1.96 -14.93 -17.90
C GLY C 243 -0.97 -14.33 -16.92
N THR C 244 -1.42 -14.11 -15.69
CA THR C 244 -0.55 -13.51 -14.68
C THR C 244 0.59 -14.47 -14.32
N ALA C 245 0.29 -15.76 -14.22
CA ALA C 245 1.33 -16.74 -13.88
C ALA C 245 2.40 -16.80 -14.96
N VAL C 246 1.96 -16.82 -16.23
CA VAL C 246 2.90 -16.90 -17.35
C VAL C 246 3.73 -15.62 -17.42
N PHE C 247 3.07 -14.47 -17.32
CA PHE C 247 3.74 -13.18 -17.26
C PHE C 247 4.86 -13.20 -16.23
N LEU C 248 4.54 -13.61 -15.01
CA LEU C 248 5.54 -13.61 -13.93
C LEU C 248 6.59 -14.72 -14.05
N SER C 249 6.38 -15.64 -15.00
CA SER C 249 7.31 -16.74 -15.22
C SER C 249 8.19 -16.52 -16.46
N ALA C 250 7.85 -15.52 -17.26
CA ALA C 250 8.49 -15.34 -18.56
C ALA C 250 9.40 -14.13 -18.58
N SER C 251 10.09 -13.91 -19.70
CA SER C 251 11.02 -12.79 -19.82
C SER C 251 10.29 -11.46 -19.81
N ALA C 252 8.98 -11.49 -20.06
CA ALA C 252 8.14 -10.28 -19.98
C ALA C 252 8.26 -9.59 -18.64
N SER C 253 8.59 -10.35 -17.59
CA SER C 253 8.69 -9.79 -16.25
C SER C 253 10.12 -9.78 -15.71
N ASP C 254 11.12 -9.78 -16.61
CA ASP C 254 12.53 -9.79 -16.17
C ASP C 254 12.92 -8.61 -15.27
N TYR C 255 12.21 -7.48 -15.37
CA TYR C 255 12.53 -6.31 -14.53
C TYR C 255 11.46 -6.09 -13.46
N VAL C 256 10.58 -7.07 -13.27
CA VAL C 256 9.56 -7.00 -12.23
C VAL C 256 10.04 -7.82 -11.04
N ASN C 257 10.18 -7.16 -9.89
N ASN C 257 10.13 -7.19 -9.87
CA ASN C 257 10.66 -7.82 -8.67
CA ASN C 257 10.63 -7.88 -8.69
C ASN C 257 9.90 -7.37 -7.44
C ASN C 257 9.96 -7.38 -7.43
N GLY C 258 9.52 -8.31 -6.58
CA GLY C 258 8.93 -7.98 -5.29
C GLY C 258 7.49 -7.50 -5.33
N GLN C 259 6.82 -7.71 -6.46
CA GLN C 259 5.44 -7.20 -6.60
C GLN C 259 4.40 -8.30 -6.41
N ILE C 260 3.23 -7.93 -5.90
CA ILE C 260 2.10 -8.85 -5.92
C ILE C 260 1.06 -8.28 -6.87
N ILE C 261 0.56 -9.11 -7.77
CA ILE C 261 -0.49 -8.71 -8.71
C ILE C 261 -1.79 -9.39 -8.28
N TYR C 262 -2.79 -8.58 -7.95
CA TYR C 262 -4.10 -9.12 -7.58
C TYR C 262 -4.94 -9.37 -8.82
N VAL C 263 -5.62 -10.50 -8.82
CA VAL C 263 -6.44 -10.90 -9.95
C VAL C 263 -7.83 -11.14 -9.37
N ASP C 264 -8.60 -10.06 -9.27
CA ASP C 264 -9.75 -10.02 -8.37
C ASP C 264 -10.93 -9.24 -8.94
N GLY C 265 -10.94 -9.00 -10.24
CA GLY C 265 -12.00 -8.20 -10.86
C GLY C 265 -12.12 -6.79 -10.30
N GLY C 266 -11.07 -6.32 -9.63
CA GLY C 266 -11.06 -4.97 -9.08
C GLY C 266 -11.45 -4.83 -7.61
N MET C 267 -11.67 -5.95 -6.92
CA MET C 267 -12.21 -5.94 -5.56
C MET C 267 -11.36 -5.11 -4.59
N LEU C 268 -10.06 -5.35 -4.57
CA LEU C 268 -9.15 -4.64 -3.66
C LEU C 268 -9.07 -3.15 -3.92
N SER C 269 -9.46 -2.72 -5.12
CA SER C 269 -9.24 -1.36 -5.59
C SER C 269 -10.34 -0.39 -5.20
N VAL C 270 -11.46 -0.93 -4.71
CA VAL C 270 -12.63 -0.10 -4.43
C VAL C 270 -13.16 -0.30 -3.01
N LEU C 271 -13.91 0.68 -2.53
CA LEU C 271 -14.66 0.54 -1.31
C LEU C 271 -15.78 -0.50 -1.50
N MET D 16 -5.43 14.86 34.21
CA MET D 16 -4.58 14.64 35.38
C MET D 16 -3.11 14.49 35.02
N SER D 17 -2.82 13.86 33.89
CA SER D 17 -1.44 13.75 33.42
C SER D 17 -0.86 15.11 33.06
N ASN D 18 0.41 15.31 33.43
CA ASN D 18 1.10 16.56 33.10
C ASN D 18 1.99 16.47 31.85
N GLN D 19 1.83 15.41 31.06
CA GLN D 19 2.60 15.28 29.81
C GLN D 19 2.44 16.51 28.89
N ILE D 20 3.48 16.83 28.13
CA ILE D 20 3.52 18.06 27.32
C ILE D 20 3.66 17.86 25.81
N ILE D 21 3.85 16.62 25.37
CA ILE D 21 4.14 16.36 23.95
C ILE D 21 2.92 16.59 23.02
N PHE D 22 1.75 16.80 23.61
CA PHE D 22 0.56 17.12 22.82
C PHE D 22 0.13 18.60 22.92
N ASP D 23 0.94 19.44 23.57
CA ASP D 23 0.61 20.85 23.75
C ASP D 23 0.98 21.69 22.52
N LEU D 24 0.08 22.57 22.09
CA LEU D 24 0.32 23.42 20.92
C LEU D 24 0.50 24.90 21.26
N GLY D 25 0.65 25.21 22.54
CA GLY D 25 0.84 26.59 22.96
C GLY D 25 2.03 27.22 22.25
N GLY D 26 1.87 28.48 21.83
CA GLY D 26 2.93 29.16 21.11
C GLY D 26 2.92 28.88 19.61
N ARG D 27 2.06 27.96 19.17
CA ARG D 27 1.97 27.65 17.75
C ARG D 27 0.74 28.30 17.12
N THR D 28 0.91 28.75 15.88
CA THR D 28 -0.20 29.31 15.12
C THR D 28 -0.56 28.35 14.00
N ALA D 29 -1.84 27.99 13.93
CA ALA D 29 -2.31 27.05 12.93
C ALA D 29 -3.24 27.74 11.94
N LEU D 30 -2.97 27.56 10.67
CA LEU D 30 -3.88 27.99 9.62
C LEU D 30 -4.65 26.76 9.14
N VAL D 31 -5.98 26.77 9.26
CA VAL D 31 -6.77 25.66 8.76
C VAL D 31 -7.65 26.16 7.62
N THR D 32 -7.42 25.67 6.41
CA THR D 32 -8.23 26.11 5.27
C THR D 32 -9.57 25.38 5.32
N GLY D 33 -10.65 26.04 4.90
CA GLY D 33 -11.97 25.47 4.97
C GLY D 33 -12.38 25.10 6.40
N SER D 34 -12.06 25.99 7.34
CA SER D 34 -12.33 25.72 8.75
C SER D 34 -13.53 26.50 9.30
N SER D 35 -14.31 27.12 8.41
CA SER D 35 -15.48 27.87 8.87
C SER D 35 -16.61 26.93 9.30
N ARG D 36 -16.54 25.68 8.86
CA ARG D 36 -17.59 24.69 9.12
C ARG D 36 -17.06 23.27 8.90
N GLY D 37 -17.86 22.28 9.28
CA GLY D 37 -17.54 20.89 8.97
C GLY D 37 -16.33 20.34 9.71
N LEU D 38 -15.62 19.43 9.06
CA LEU D 38 -14.48 18.76 9.69
C LEU D 38 -13.36 19.74 9.98
N GLY D 39 -13.15 20.69 9.08
CA GLY D 39 -12.10 21.69 9.25
C GLY D 39 -12.33 22.52 10.50
N ARG D 40 -13.58 22.89 10.76
CA ARG D 40 -13.90 23.62 11.97
C ARG D 40 -13.60 22.79 13.20
N ALA D 41 -14.01 21.52 13.16
CA ALA D 41 -13.83 20.63 14.28
C ALA D 41 -12.35 20.45 14.59
N MET D 42 -11.54 20.26 13.56
CA MET D 42 -10.10 20.15 13.75
C MET D 42 -9.49 21.45 14.28
N ALA D 43 -9.95 22.58 13.75
CA ALA D 43 -9.45 23.88 14.22
C ALA D 43 -9.76 24.07 15.70
N GLU D 44 -10.97 23.71 16.11
CA GLU D 44 -11.32 23.85 17.52
C GLU D 44 -10.45 22.96 18.38
N GLY D 45 -10.20 21.73 17.91
CA GLY D 45 -9.32 20.81 18.62
C GLY D 45 -7.91 21.38 18.79
N LEU D 46 -7.37 21.96 17.73
CA LEU D 46 -6.05 22.59 17.79
C LEU D 46 -6.02 23.74 18.80
N ALA D 47 -7.09 24.52 18.84
CA ALA D 47 -7.20 25.64 19.78
C ALA D 47 -7.23 25.13 21.21
N VAL D 48 -7.98 24.05 21.43
CA VAL D 48 -8.08 23.48 22.78
C VAL D 48 -6.70 23.00 23.25
N ALA D 49 -5.88 22.54 22.32
CA ALA D 49 -4.53 22.09 22.64
C ALA D 49 -3.57 23.27 22.78
N GLY D 50 -4.03 24.48 22.49
CA GLY D 50 -3.24 25.68 22.78
C GLY D 50 -2.87 26.54 21.59
N ALA D 51 -3.20 26.08 20.39
CA ALA D 51 -2.79 26.79 19.17
C ALA D 51 -3.57 28.09 18.97
N ARG D 52 -2.90 29.12 18.47
CA ARG D 52 -3.62 30.27 17.92
C ARG D 52 -4.17 29.84 16.57
N ILE D 53 -5.40 30.25 16.25
CA ILE D 53 -6.06 29.71 15.05
C ILE D 53 -6.37 30.76 13.99
N LEU D 54 -6.02 30.46 12.74
CA LEU D 54 -6.45 31.29 11.64
C LEU D 54 -7.55 30.53 10.90
N ILE D 55 -8.77 31.08 10.95
CA ILE D 55 -9.91 30.47 10.27
C ILE D 55 -9.97 30.93 8.81
N ASN D 56 -10.21 29.99 7.90
CA ASN D 56 -10.35 30.31 6.49
C ASN D 56 -11.59 29.64 5.90
N GLY D 57 -12.32 30.37 5.05
CA GLY D 57 -13.53 29.84 4.49
C GLY D 57 -14.04 30.69 3.34
N THR D 58 -15.08 30.20 2.67
CA THR D 58 -15.69 30.93 1.57
C THR D 58 -16.67 31.99 2.08
N ASP D 59 -17.77 31.52 2.67
CA ASP D 59 -18.80 32.38 3.27
C ASP D 59 -18.21 33.22 4.42
N PRO D 60 -17.97 34.53 4.18
CA PRO D 60 -17.36 35.38 5.21
C PRO D 60 -18.28 35.59 6.42
N SER D 61 -19.59 35.47 6.20
CA SER D 61 -20.54 35.48 7.31
C SER D 61 -20.37 34.25 8.18
N ARG D 62 -20.21 33.09 7.54
CA ARG D 62 -20.02 31.84 8.25
C ARG D 62 -18.66 31.86 8.97
N VAL D 63 -17.68 32.53 8.36
CA VAL D 63 -16.34 32.66 8.94
C VAL D 63 -16.38 33.48 10.22
N ALA D 64 -16.99 34.65 10.13
CA ALA D 64 -17.11 35.58 11.26
C ALA D 64 -17.78 34.91 12.45
N GLN D 65 -18.91 34.24 12.21
CA GLN D 65 -19.63 33.53 13.26
C GLN D 65 -18.72 32.49 13.93
N THR D 66 -17.96 31.76 13.12
CA THR D 66 -17.02 30.77 13.63
C THR D 66 -15.91 31.39 14.48
N VAL D 67 -15.31 32.47 13.98
CA VAL D 67 -14.28 33.19 14.72
C VAL D 67 -14.79 33.70 16.07
N GLN D 68 -16.02 34.22 16.08
CA GLN D 68 -16.61 34.74 17.30
C GLN D 68 -16.86 33.63 18.31
N GLU D 69 -17.37 32.50 17.83
CA GLU D 69 -17.66 31.37 18.70
C GLU D 69 -16.38 30.84 19.35
N PHE D 70 -15.29 30.83 18.59
CA PHE D 70 -13.97 30.45 19.11
C PHE D 70 -13.54 31.43 20.21
N ARG D 71 -13.75 32.72 19.97
CA ARG D 71 -13.32 33.74 20.93
C ARG D 71 -14.12 33.70 22.21
N ASN D 72 -15.40 33.39 22.10
CA ASN D 72 -16.28 33.34 23.27
C ASN D 72 -15.84 32.28 24.28
N VAL D 73 -15.20 31.22 23.80
CA VAL D 73 -14.74 30.16 24.70
C VAL D 73 -13.26 30.28 25.05
N GLY D 74 -12.66 31.42 24.74
CA GLY D 74 -11.31 31.70 25.18
C GLY D 74 -10.20 31.35 24.18
N HIS D 75 -10.57 31.03 22.95
CA HIS D 75 -9.56 30.74 21.93
C HIS D 75 -9.08 32.03 21.27
N ASP D 76 -7.81 32.04 20.88
CA ASP D 76 -7.24 33.14 20.11
C ASP D 76 -7.47 32.82 18.63
N ALA D 77 -8.44 33.48 18.00
CA ALA D 77 -8.76 33.18 16.61
C ALA D 77 -8.99 34.42 15.77
N GLU D 78 -8.92 34.23 14.46
CA GLU D 78 -8.87 35.33 13.53
C GLU D 78 -9.23 34.82 12.14
N ALA D 79 -9.85 35.67 11.34
CA ALA D 79 -10.14 35.34 9.94
C ALA D 79 -8.92 35.62 9.07
N VAL D 80 -8.70 34.75 8.09
CA VAL D 80 -7.68 34.95 7.07
C VAL D 80 -8.35 34.54 5.77
N ALA D 81 -8.72 35.53 4.97
CA ALA D 81 -9.56 35.29 3.82
C ALA D 81 -8.75 35.05 2.56
N PHE D 82 -9.09 34.00 1.82
CA PHE D 82 -8.58 33.77 0.47
C PHE D 82 -9.25 32.60 -0.22
N ASP D 83 -9.45 32.75 -1.54
CA ASP D 83 -9.86 31.66 -2.39
C ASP D 83 -8.69 30.69 -2.51
N VAL D 84 -8.88 29.46 -2.04
CA VAL D 84 -7.79 28.49 -2.07
C VAL D 84 -7.34 28.12 -3.49
N THR D 85 -8.13 28.52 -4.49
CA THR D 85 -7.76 28.27 -5.88
C THR D 85 -7.07 29.46 -6.52
N SER D 86 -7.04 30.59 -5.82
CA SER D 86 -6.40 31.80 -6.37
C SER D 86 -4.98 31.99 -5.87
N GLU D 87 -4.00 31.77 -6.74
CA GLU D 87 -2.60 31.96 -6.34
C GLU D 87 -2.32 33.38 -5.84
N SER D 88 -2.82 34.38 -6.54
CA SER D 88 -2.63 35.77 -6.11
C SER D 88 -3.22 36.03 -4.72
N GLU D 89 -4.41 35.51 -4.47
CA GLU D 89 -5.06 35.68 -3.17
C GLU D 89 -4.26 34.98 -2.07
N ILE D 90 -3.72 33.81 -2.39
CA ILE D 90 -2.91 33.05 -1.43
C ILE D 90 -1.60 33.77 -1.09
N ILE D 91 -0.88 34.20 -2.12
CA ILE D 91 0.38 34.93 -1.94
C ILE D 91 0.13 36.23 -1.20
N GLU D 92 -0.99 36.88 -1.52
CA GLU D 92 -1.39 38.11 -0.85
C GLU D 92 -1.66 37.89 0.63
N ALA D 93 -2.38 36.80 0.94
CA ALA D 93 -2.73 36.49 2.33
C ALA D 93 -1.48 36.21 3.16
N PHE D 94 -0.56 35.43 2.61
CA PHE D 94 0.71 35.18 3.30
C PHE D 94 1.57 36.45 3.47
N ALA D 95 1.50 37.36 2.50
CA ALA D 95 2.18 38.65 2.63
C ALA D 95 1.65 39.43 3.82
N ARG D 96 0.33 39.48 3.97
CA ARG D 96 -0.28 40.14 5.12
C ARG D 96 0.18 39.50 6.43
N LEU D 97 0.20 38.17 6.48
CA LEU D 97 0.68 37.47 7.69
C LEU D 97 2.15 37.79 7.96
N ASP D 98 2.98 37.81 6.91
CA ASP D 98 4.41 38.08 7.02
C ASP D 98 4.68 39.42 7.69
N GLU D 99 3.93 40.43 7.26
CA GLU D 99 4.12 41.78 7.74
C GLU D 99 3.66 41.89 9.20
N GLN D 100 2.71 41.04 9.58
CA GLN D 100 2.14 41.10 10.91
C GLN D 100 2.96 40.26 11.87
N GLY D 101 4.02 39.66 11.36
CA GLY D 101 4.89 38.85 12.19
C GLY D 101 4.21 37.57 12.63
N ILE D 102 3.20 37.14 11.87
CA ILE D 102 2.51 35.89 12.18
C ILE D 102 3.21 34.71 11.50
N ASP D 103 3.71 33.78 12.31
CA ASP D 103 4.31 32.56 11.79
C ASP D 103 3.24 31.50 11.66
N VAL D 104 3.07 30.92 10.47
CA VAL D 104 2.20 29.77 10.34
C VAL D 104 3.03 28.54 10.63
N ASP D 105 2.90 28.02 11.85
CA ASP D 105 3.66 26.85 12.31
C ASP D 105 2.98 25.54 11.95
N ILE D 106 1.67 25.61 11.83
CA ILE D 106 0.87 24.45 11.46
C ILE D 106 -0.05 24.86 10.31
N LEU D 107 -0.02 24.07 9.24
CA LEU D 107 -0.93 24.26 8.13
C LEU D 107 -1.78 23.01 7.99
N VAL D 108 -3.10 23.19 8.09
CA VAL D 108 -3.99 22.08 7.80
C VAL D 108 -4.69 22.38 6.48
N ASN D 109 -4.35 21.61 5.43
CA ASN D 109 -4.99 21.76 4.13
C ASN D 109 -6.28 20.95 4.09
N ASN D 110 -7.38 21.56 4.49
CA ASN D 110 -8.65 20.86 4.56
C ASN D 110 -9.62 21.27 3.46
N ALA D 111 -9.40 22.44 2.88
CA ALA D 111 -10.23 22.94 1.78
C ALA D 111 -10.35 21.93 0.65
N GLY D 112 -11.53 21.88 0.03
CA GLY D 112 -11.81 20.98 -1.08
C GLY D 112 -13.30 20.79 -1.26
N ILE D 113 -13.75 20.59 -2.49
CA ILE D 113 -15.17 20.32 -2.75
C ILE D 113 -15.36 18.89 -3.24
N GLN D 114 -16.60 18.45 -3.25
CA GLN D 114 -16.95 17.15 -3.81
C GLN D 114 -17.87 17.38 -5.01
N PHE D 115 -17.81 16.51 -6.00
CA PHE D 115 -18.73 16.57 -7.13
C PHE D 115 -19.02 15.14 -7.61
N ARG D 116 -20.29 14.74 -7.50
CA ARG D 116 -20.68 13.37 -7.81
C ARG D 116 -21.26 13.25 -9.21
N LYS D 117 -20.59 12.44 -10.02
CA LYS D 117 -20.93 12.30 -11.42
C LYS D 117 -20.09 11.18 -11.99
N PRO D 118 -20.72 10.22 -12.70
CA PRO D 118 -19.99 9.18 -13.41
C PRO D 118 -19.06 9.82 -14.45
N MET D 119 -17.88 9.23 -14.66
CA MET D 119 -16.90 9.81 -15.56
C MET D 119 -17.39 9.99 -16.99
N ILE D 120 -18.19 9.06 -17.51
CA ILE D 120 -18.65 9.25 -18.89
C ILE D 120 -19.60 10.44 -19.03
N GLU D 121 -20.11 10.96 -17.92
CA GLU D 121 -20.98 12.14 -17.95
C GLU D 121 -20.28 13.37 -17.39
N LEU D 122 -19.05 13.20 -16.95
CA LEU D 122 -18.37 14.28 -16.24
C LEU D 122 -17.73 15.28 -17.21
N GLU D 123 -18.21 16.52 -17.16
CA GLU D 123 -17.60 17.63 -17.88
C GLU D 123 -16.19 17.90 -17.36
N THR D 124 -15.27 18.19 -18.26
CA THR D 124 -13.87 18.42 -17.90
C THR D 124 -13.71 19.60 -16.93
N ALA D 125 -14.57 20.60 -17.08
CA ALA D 125 -14.52 21.77 -16.21
C ALA D 125 -14.86 21.44 -14.75
N ASP D 126 -15.74 20.47 -14.54
CA ASP D 126 -16.07 20.01 -13.19
C ASP D 126 -14.93 19.15 -12.63
N TRP D 127 -14.34 18.33 -13.50
CA TRP D 127 -13.13 17.58 -13.15
C TRP D 127 -12.05 18.54 -12.64
N GLN D 128 -11.80 19.59 -13.42
CA GLN D 128 -10.72 20.54 -13.13
C GLN D 128 -10.95 21.28 -11.81
N ARG D 129 -12.20 21.65 -11.56
CA ARG D 129 -12.55 22.38 -10.34
C ARG D 129 -12.27 21.53 -9.11
N VAL D 130 -12.57 20.23 -9.19
CA VAL D 130 -12.32 19.34 -8.07
C VAL D 130 -10.80 19.22 -7.85
N ILE D 131 -10.05 19.02 -8.92
CA ILE D 131 -8.59 18.94 -8.84
C ILE D 131 -8.01 20.25 -8.27
N ASP D 132 -8.42 21.39 -8.80
CA ASP D 132 -7.87 22.67 -8.33
C ASP D 132 -8.17 22.95 -6.86
N THR D 133 -9.41 22.72 -6.45
CA THR D 133 -9.80 23.03 -5.07
C THR D 133 -9.21 22.05 -4.05
N ASN D 134 -9.05 20.79 -4.44
CA ASN D 134 -8.57 19.78 -3.50
C ASN D 134 -7.05 19.60 -3.52
N LEU D 135 -6.46 19.57 -4.71
CA LEU D 135 -5.06 19.17 -4.85
C LEU D 135 -4.13 20.36 -5.07
N THR D 136 -4.42 21.14 -6.09
CA THR D 136 -3.59 22.28 -6.45
C THR D 136 -3.52 23.31 -5.34
N SER D 137 -4.65 23.53 -4.68
CA SER D 137 -4.71 24.43 -3.52
C SER D 137 -3.69 24.01 -2.47
N ALA D 138 -3.66 22.72 -2.17
CA ALA D 138 -2.79 22.19 -1.12
C ALA D 138 -1.32 22.38 -1.50
N PHE D 139 -1.02 22.21 -2.79
CA PHE D 139 0.34 22.46 -3.26
C PHE D 139 0.73 23.93 -3.08
N MET D 140 -0.11 24.85 -3.58
CA MET D 140 0.22 26.29 -3.53
C MET D 140 0.33 26.82 -2.11
N ILE D 141 -0.64 26.47 -1.27
CA ILE D 141 -0.65 26.90 0.12
C ILE D 141 0.48 26.22 0.90
N GLY D 142 0.70 24.92 0.64
CA GLY D 142 1.81 24.21 1.28
C GLY D 142 3.15 24.81 0.90
N ARG D 143 3.31 25.12 -0.38
CA ARG D 143 4.53 25.79 -0.85
C ARG D 143 4.76 27.11 -0.13
N GLU D 144 3.70 27.91 0.03
CA GLU D 144 3.85 29.22 0.68
C GLU D 144 4.21 29.07 2.14
N ALA D 145 3.61 28.08 2.81
CA ALA D 145 3.86 27.90 4.23
C ALA D 145 5.29 27.41 4.43
N ALA D 146 5.69 26.45 3.61
CA ALA D 146 7.01 25.82 3.76
C ALA D 146 8.18 26.79 3.57
N LYS D 147 8.09 27.71 2.61
CA LYS D 147 9.20 28.66 2.46
C LYS D 147 9.40 29.58 3.65
N ARG D 148 8.38 29.73 4.51
CA ARG D 148 8.58 30.42 5.78
C ARG D 148 9.01 29.45 6.87
N MET D 149 8.50 28.22 6.81
CA MET D 149 8.88 27.23 7.82
C MET D 149 10.35 26.87 7.73
N ILE D 150 10.84 26.65 6.51
CA ILE D 150 12.22 26.21 6.30
C ILE D 150 13.28 27.03 7.06
N PRO D 151 13.30 28.37 6.89
CA PRO D 151 14.30 29.17 7.61
C PRO D 151 14.20 29.06 9.13
N ARG D 152 12.99 28.88 9.65
CA ARG D 152 12.79 28.74 11.09
C ARG D 152 13.23 27.37 11.60
N GLY D 153 13.19 26.35 10.75
CA GLY D 153 13.69 25.04 11.12
C GLY D 153 12.71 24.08 11.76
N TYR D 154 11.42 24.42 11.68
CA TYR D 154 10.35 23.58 12.23
C TYR D 154 9.04 23.93 11.56
N GLY D 155 8.11 23.00 11.56
CA GLY D 155 6.82 23.25 10.97
C GLY D 155 6.05 21.97 10.80
N LYS D 156 4.73 22.07 10.71
CA LYS D 156 3.87 20.91 10.51
C LYS D 156 2.91 21.19 9.38
N ILE D 157 2.77 20.22 8.47
CA ILE D 157 1.80 20.35 7.41
C ILE D 157 0.93 19.10 7.48
N VAL D 158 -0.36 19.30 7.58
CA VAL D 158 -1.30 18.19 7.70
C VAL D 158 -2.27 18.30 6.54
N ASN D 159 -2.14 17.41 5.57
CA ASN D 159 -3.07 17.41 4.43
C ASN D 159 -4.27 16.54 4.74
N ILE D 160 -5.43 16.91 4.23
CA ILE D 160 -6.61 16.09 4.45
C ILE D 160 -6.91 15.28 3.18
N GLY D 161 -6.71 13.98 3.28
CA GLY D 161 -7.03 13.06 2.20
C GLY D 161 -8.42 12.52 2.41
N SER D 162 -8.59 11.21 2.24
CA SER D 162 -9.90 10.57 2.23
C SER D 162 -9.65 9.09 2.14
N LEU D 163 -10.68 8.27 2.37
CA LEU D 163 -10.56 6.84 2.10
C LEU D 163 -10.24 6.66 0.63
N THR D 164 -10.74 7.57 -0.20
CA THR D 164 -10.49 7.53 -1.63
C THR D 164 -9.06 7.96 -2.01
N SER D 165 -8.22 8.27 -1.03
CA SER D 165 -6.79 8.40 -1.28
C SER D 165 -6.23 7.02 -1.61
N GLU D 166 -6.99 5.99 -1.22
CA GLU D 166 -6.53 4.60 -1.38
C GLU D 166 -7.53 3.73 -2.20
N LEU D 167 -8.82 3.88 -1.95
CA LEU D 167 -9.82 3.05 -2.60
C LEU D 167 -10.80 3.89 -3.39
N ALA D 168 -11.07 3.51 -4.63
CA ALA D 168 -11.97 4.29 -5.49
C ALA D 168 -13.42 4.02 -5.12
N ARG D 169 -14.29 4.94 -5.52
CA ARG D 169 -15.73 4.69 -5.46
C ARG D 169 -16.41 5.28 -6.68
N ALA D 170 -17.30 4.52 -7.30
CA ALA D 170 -17.97 4.97 -8.50
C ALA D 170 -18.66 6.32 -8.26
N THR D 171 -18.62 7.18 -9.27
CA THR D 171 -19.21 8.53 -9.27
C THR D 171 -18.35 9.61 -8.61
N VAL D 172 -17.32 9.23 -7.84
CA VAL D 172 -16.44 10.27 -7.26
C VAL D 172 -14.99 10.19 -7.73
N ALA D 173 -14.81 10.07 -9.05
CA ALA D 173 -13.47 9.93 -9.64
C ALA D 173 -12.56 11.15 -9.45
N PRO D 174 -13.05 12.37 -9.77
CA PRO D 174 -12.10 13.48 -9.68
C PRO D 174 -11.68 13.72 -8.24
N TYR D 175 -12.60 13.51 -7.30
CA TYR D 175 -12.27 13.60 -5.88
C TYR D 175 -11.27 12.52 -5.51
N THR D 176 -11.51 11.32 -6.01
CA THR D 176 -10.63 10.19 -5.72
C THR D 176 -9.24 10.47 -6.24
N VAL D 177 -9.17 10.96 -7.47
CA VAL D 177 -7.90 11.30 -8.09
C VAL D 177 -7.19 12.42 -7.31
N ALA D 178 -7.93 13.43 -6.91
CA ALA D 178 -7.34 14.55 -6.17
C ALA D 178 -6.82 14.09 -4.81
N LYS D 179 -7.57 13.22 -4.14
CA LYS D 179 -7.19 12.77 -2.81
C LYS D 179 -6.03 11.79 -2.87
N GLY D 180 -5.94 11.03 -3.96
CA GLY D 180 -4.78 10.19 -4.20
C GLY D 180 -3.57 11.06 -4.43
N GLY D 181 -3.75 12.15 -5.18
CA GLY D 181 -2.70 13.13 -5.35
C GLY D 181 -2.25 13.71 -4.02
N ILE D 182 -3.22 14.01 -3.15
CA ILE D 182 -2.92 14.55 -1.81
C ILE D 182 -2.04 13.62 -0.98
N LYS D 183 -2.30 12.32 -1.06
CA LYS D 183 -1.47 11.34 -0.39
C LYS D 183 -0.05 11.41 -0.93
N MET D 184 0.10 11.49 -2.25
CA MET D 184 1.43 11.52 -2.83
C MET D 184 2.09 12.88 -2.62
N LEU D 185 1.28 13.94 -2.62
CA LEU D 185 1.80 15.28 -2.32
C LEU D 185 2.43 15.31 -0.93
N THR D 186 1.77 14.64 0.01
CA THR D 186 2.27 14.52 1.38
C THR D 186 3.64 13.86 1.40
N ARG D 187 3.78 12.76 0.65
CA ARG D 187 5.09 12.10 0.56
C ARG D 187 6.15 12.97 -0.13
N ALA D 188 5.76 13.70 -1.17
CA ALA D 188 6.67 14.62 -1.86
C ALA D 188 7.17 15.70 -0.92
N MET D 189 6.25 16.22 -0.09
CA MET D 189 6.59 17.26 0.88
C MET D 189 7.57 16.76 1.92
N ALA D 190 7.32 15.55 2.43
CA ALA D 190 8.26 14.91 3.35
C ALA D 190 9.63 14.74 2.69
N ALA D 191 9.64 14.25 1.44
CA ALA D 191 10.88 14.08 0.69
C ALA D 191 11.74 15.34 0.63
N GLU D 192 11.11 16.49 0.45
CA GLU D 192 11.84 17.74 0.25
C GLU D 192 12.07 18.54 1.54
N TRP D 193 11.13 18.44 2.47
CA TRP D 193 11.15 19.33 3.63
C TRP D 193 11.52 18.68 4.97
N ALA D 194 11.40 17.36 5.08
CA ALA D 194 11.72 16.69 6.35
C ALA D 194 13.09 17.09 6.87
N GLN D 195 14.05 17.28 5.95
CA GLN D 195 15.42 17.61 6.33
C GLN D 195 15.54 18.97 7.02
N TYR D 196 14.57 19.85 6.75
CA TYR D 196 14.60 21.18 7.35
C TYR D 196 13.78 21.21 8.65
N GLY D 197 13.37 20.04 9.13
CA GLY D 197 12.65 19.95 10.38
C GLY D 197 11.14 20.13 10.25
N ILE D 198 10.62 19.92 9.05
CA ILE D 198 9.18 20.03 8.80
C ILE D 198 8.57 18.64 8.67
N GLN D 199 7.49 18.37 9.38
CA GLN D 199 6.76 17.10 9.22
C GLN D 199 5.48 17.28 8.43
N ALA D 200 5.44 16.63 7.28
CA ALA D 200 4.27 16.66 6.42
C ALA D 200 3.59 15.30 6.48
N ASN D 201 2.39 15.28 7.03
CA ASN D 201 1.60 14.07 7.16
C ASN D 201 0.17 14.34 6.70
N ALA D 202 -0.68 13.33 6.74
CA ALA D 202 -2.04 13.48 6.25
C ALA D 202 -3.03 12.70 7.11
N ILE D 203 -4.28 13.14 7.09
CA ILE D 203 -5.36 12.42 7.75
C ILE D 203 -6.38 12.00 6.69
N GLY D 204 -6.84 10.76 6.76
CA GLY D 204 -7.83 10.27 5.82
C GLY D 204 -9.11 9.95 6.57
N PRO D 205 -10.00 10.93 6.68
CA PRO D 205 -11.25 10.70 7.42
C PRO D 205 -12.06 9.66 6.69
N GLY D 206 -12.74 8.80 7.44
CA GLY D 206 -13.64 7.83 6.86
C GLY D 206 -14.97 8.52 6.59
N TYR D 207 -16.07 7.78 6.74
CA TYR D 207 -17.40 8.35 6.58
C TYR D 207 -17.84 8.99 7.88
N MET D 208 -17.93 10.33 7.86
CA MET D 208 -18.16 11.11 9.08
C MET D 208 -19.51 11.80 9.05
N LEU D 209 -20.09 12.01 10.22
CA LEU D 209 -21.35 12.71 10.35
C LEU D 209 -21.15 14.21 10.17
N THR D 210 -21.23 14.66 8.92
CA THR D 210 -21.17 16.08 8.58
C THR D 210 -22.19 16.40 7.51
N ASP D 211 -22.44 17.68 7.30
CA ASP D 211 -23.45 18.12 6.33
C ASP D 211 -23.00 17.87 4.88
N MET D 212 -21.69 17.82 4.68
CA MET D 212 -21.09 17.46 3.39
C MET D 212 -21.47 16.03 2.97
N ASN D 213 -21.93 15.25 3.94
CA ASN D 213 -22.35 13.86 3.70
C ASN D 213 -23.83 13.62 3.99
N GLN D 214 -24.61 14.68 4.21
CA GLN D 214 -26.01 14.55 4.60
C GLN D 214 -26.85 13.76 3.58
N ALA D 215 -26.52 13.91 2.30
CA ALA D 215 -27.22 13.18 1.23
C ALA D 215 -26.92 11.67 1.32
N LEU D 216 -25.77 11.33 1.89
CA LEU D 216 -25.41 9.94 2.09
C LEU D 216 -25.99 9.40 3.40
N ILE D 217 -26.00 10.23 4.43
CA ILE D 217 -26.53 9.87 5.75
C ILE D 217 -28.04 9.61 5.70
N ASP D 218 -28.75 10.41 4.91
CA ASP D 218 -30.20 10.33 4.81
C ASP D 218 -30.66 9.35 3.74
N ASN D 219 -29.73 8.51 3.27
CA ASN D 219 -30.05 7.41 2.38
C ASN D 219 -29.84 6.11 3.15
N PRO D 220 -30.94 5.41 3.45
CA PRO D 220 -30.88 4.22 4.32
C PRO D 220 -30.00 3.12 3.73
N GLU D 221 -30.01 2.98 2.41
CA GLU D 221 -29.11 2.03 1.74
C GLU D 221 -27.64 2.34 2.00
N PHE D 222 -27.26 3.59 1.78
CA PHE D 222 -25.88 3.99 1.99
C PHE D 222 -25.53 3.96 3.48
N ASP D 223 -26.47 4.41 4.32
CA ASP D 223 -26.27 4.36 5.77
C ASP D 223 -26.02 2.93 6.26
N ALA D 224 -26.89 2.00 5.84
CA ALA D 224 -26.73 0.59 6.16
C ALA D 224 -25.39 0.07 5.64
N TRP D 225 -25.03 0.48 4.43
CA TRP D 225 -23.74 0.11 3.84
C TRP D 225 -22.54 0.53 4.70
N VAL D 226 -22.49 1.79 5.12
CA VAL D 226 -21.41 2.26 6.00
C VAL D 226 -21.29 1.37 7.24
N LYS D 227 -22.41 1.18 7.95
CA LYS D 227 -22.39 0.39 9.18
C LYS D 227 -22.02 -1.08 8.95
N ALA D 228 -22.29 -1.59 7.74
CA ALA D 228 -21.94 -2.98 7.42
C ALA D 228 -20.50 -3.10 6.97
N ARG D 229 -20.05 -2.08 6.24
CA ARG D 229 -18.73 -2.09 5.61
C ARG D 229 -17.60 -1.73 6.59
N THR D 230 -17.96 -0.99 7.64
CA THR D 230 -17.01 -0.56 8.65
C THR D 230 -16.96 -1.58 9.79
N PRO D 231 -15.76 -2.06 10.14
CA PRO D 231 -15.63 -3.01 11.27
C PRO D 231 -16.22 -2.42 12.56
N ALA D 232 -16.00 -1.14 12.81
CA ALA D 232 -16.58 -0.50 14.02
C ALA D 232 -18.10 -0.40 13.94
N LYS D 233 -18.66 -0.65 12.75
CA LYS D 233 -20.10 -0.67 12.54
C LYS D 233 -20.79 0.66 12.87
N ARG D 234 -20.10 1.77 12.58
CA ARG D 234 -20.66 3.08 12.84
C ARG D 234 -19.95 4.14 12.02
N TRP D 235 -20.62 5.27 11.79
CA TRP D 235 -20.01 6.45 11.22
C TRP D 235 -19.09 7.08 12.26
N GLY D 236 -18.16 7.92 11.80
CA GLY D 236 -17.32 8.67 12.71
C GLY D 236 -17.95 10.02 13.05
N LYS D 237 -17.58 10.57 14.20
CA LYS D 237 -17.99 11.92 14.55
C LYS D 237 -16.83 12.86 14.26
N PRO D 238 -17.14 14.10 13.82
CA PRO D 238 -16.10 15.07 13.46
C PRO D 238 -15.04 15.26 14.56
N GLN D 239 -15.48 15.30 15.81
CA GLN D 239 -14.58 15.40 16.95
C GLN D 239 -13.55 14.26 16.97
N GLU D 240 -13.87 13.14 16.34
CA GLU D 240 -12.96 12.00 16.37
C GLU D 240 -11.75 12.16 15.46
N LEU D 241 -11.66 13.32 14.79
CA LEU D 241 -10.45 13.67 14.03
C LEU D 241 -9.49 14.51 14.87
N VAL D 242 -10.00 15.05 15.99
CA VAL D 242 -9.19 15.99 16.78
C VAL D 242 -7.88 15.36 17.27
N GLY D 243 -7.96 14.17 17.84
CA GLY D 243 -6.79 13.48 18.37
C GLY D 243 -5.70 13.34 17.33
N THR D 244 -6.08 12.91 16.13
CA THR D 244 -5.12 12.72 15.04
C THR D 244 -4.53 14.07 14.60
N ALA D 245 -5.38 15.09 14.52
CA ALA D 245 -4.92 16.39 14.04
C ALA D 245 -3.94 17.02 15.04
N VAL D 246 -4.24 16.89 16.34
CA VAL D 246 -3.36 17.41 17.37
C VAL D 246 -2.05 16.63 17.40
N PHE D 247 -2.15 15.31 17.36
CA PHE D 247 -0.98 14.44 17.33
C PHE D 247 -0.04 14.84 16.17
N LEU D 248 -0.60 15.04 14.98
CA LEU D 248 0.22 15.39 13.82
C LEU D 248 0.70 16.83 13.82
N SER D 249 0.24 17.62 14.79
CA SER D 249 0.59 19.04 14.84
C SER D 249 1.56 19.30 15.98
N ALA D 250 1.78 18.27 16.80
CA ALA D 250 2.50 18.42 18.05
C ALA D 250 3.86 17.76 18.01
N SER D 251 4.67 17.99 19.05
CA SER D 251 6.01 17.38 19.08
C SER D 251 5.90 15.86 19.19
N ALA D 252 4.70 15.38 19.54
CA ALA D 252 4.45 13.95 19.66
C ALA D 252 4.72 13.21 18.36
N SER D 253 4.72 13.96 17.24
CA SER D 253 4.89 13.37 15.93
C SER D 253 6.14 13.88 15.20
N ASP D 254 7.17 14.28 15.96
CA ASP D 254 8.35 14.90 15.35
C ASP D 254 9.14 14.00 14.42
N TYR D 255 9.06 12.69 14.62
CA TYR D 255 9.77 11.75 13.75
C TYR D 255 8.80 11.00 12.83
N VAL D 256 7.56 11.49 12.75
CA VAL D 256 6.57 10.93 11.85
C VAL D 256 6.53 11.82 10.61
N ASN D 257 6.76 11.24 9.43
CA ASN D 257 6.84 12.03 8.21
C ASN D 257 6.32 11.25 7.03
N GLY D 258 5.48 11.86 6.21
CA GLY D 258 5.01 11.23 4.99
C GLY D 258 3.86 10.26 5.17
N GLN D 259 3.31 10.21 6.39
CA GLN D 259 2.28 9.25 6.74
C GLN D 259 0.87 9.77 6.45
N ILE D 260 -0.03 8.90 6.00
CA ILE D 260 -1.45 9.20 6.04
C ILE D 260 -2.12 8.30 7.07
N ILE D 261 -2.81 8.90 8.03
CA ILE D 261 -3.47 8.10 9.06
C ILE D 261 -4.97 8.11 8.79
N TYR D 262 -5.53 6.93 8.54
CA TYR D 262 -6.96 6.85 8.24
C TYR D 262 -7.76 6.79 9.55
N VAL D 263 -8.85 7.55 9.61
CA VAL D 263 -9.70 7.56 10.80
C VAL D 263 -11.06 7.12 10.31
N ASP D 264 -11.26 5.81 10.28
CA ASP D 264 -12.33 5.25 9.48
C ASP D 264 -12.98 4.02 10.10
N GLY D 265 -12.77 3.82 11.39
CA GLY D 265 -13.38 2.69 12.08
C GLY D 265 -12.92 1.36 11.53
N GLY D 266 -11.83 1.38 10.74
CA GLY D 266 -11.27 0.19 10.15
C GLY D 266 -11.70 -0.12 8.72
N MET D 267 -12.46 0.78 8.10
CA MET D 267 -13.07 0.47 6.79
C MET D 267 -12.04 0.05 5.75
N LEU D 268 -10.92 0.77 5.70
CA LEU D 268 -9.90 0.53 4.69
C LEU D 268 -9.14 -0.79 4.88
N SER D 269 -9.23 -1.34 6.08
CA SER D 269 -8.41 -2.49 6.46
C SER D 269 -9.03 -3.83 6.10
N VAL D 270 -10.30 -3.82 5.71
CA VAL D 270 -11.04 -5.05 5.51
C VAL D 270 -11.72 -5.12 4.15
N LEU D 271 -12.01 -6.35 3.74
CA LEU D 271 -12.88 -6.59 2.62
C LEU D 271 -14.31 -6.19 3.00
MG MG E . -13.72 -3.96 -33.41
CL CL F . 5.09 13.91 -32.38
CL CL G . 15.17 8.61 23.89
MG MG H . 4.11 -28.08 -25.32
CL CL I . -11.08 -22.40 -15.30
MG MG J . 4.38 31.39 18.58
CL CL K . -18.27 15.70 16.73
#